data_2C1L
#
_entry.id   2C1L
#
_cell.length_a   138.925
_cell.length_b   138.925
_cell.length_c   94.135
_cell.angle_alpha   90.00
_cell.angle_beta   90.00
_cell.angle_gamma   90.00
#
_symmetry.space_group_name_H-M   'I 4'
#
loop_
_entity.id
_entity.type
_entity.pdbx_description
1 polymer 'RESTRICTION ENDONUCLEASE'
2 non-polymer GLYCEROL
3 non-polymer 2-AMINO-2-HYDROXYMETHYL-PROPANE-1,3-DIOL
4 non-polymer 'L(+)-TARTARIC ACID'
5 non-polymer 'S,R MESO-TARTARIC ACID'
6 non-polymer 'D(-)-TARTARIC ACID'
7 non-polymer 'BICARBONATE ION'
8 non-polymer '2-(N-MORPHOLINO)-ETHANESULFONIC ACID'
9 water water
#
_entity_poly.entity_id   1
_entity_poly.type   'polypeptide(L)'
_entity_poly.pdbx_seq_one_letter_code
;MNFFSLHPNVYATGRPKGLIGMLENVWVSNHTPGEGTLYLISGFSNYNGGVRFYETFTEHINQGGRVIAILGGSTSQRLS
SRQVVEELLNRGVEVHIINRKRILHAKLYGTSNNLGESLVVSSGNFTGPGMSQNIEASLLLDNNTTQSMGFSWNDMISEM
LNQNWHIHNMTNATDASPGWNLLYDERTTNLTLDETERVTLIVTLGHADTARIQAAPGTTAGQGTQYFWLSKDSYDFFPP
LTIRNRRGTKATYSSLINMNYIDINYTDTQCRVTFEAENNFDFRLGTGKLRYTGVAKSNDIAAITRVGDSDYELRIIKQG
TPEHSQLDPYAVSFIGNRGKRFGYISNEEFGRIIGVTF
;
_entity_poly.pdbx_strand_id   A,B
#
loop_
_chem_comp.id
_chem_comp.type
_chem_comp.name
_chem_comp.formula
BCT non-polymer 'BICARBONATE ION' 'C H O3 -1'
GOL non-polymer GLYCEROL 'C3 H8 O3'
MES non-polymer '2-(N-MORPHOLINO)-ETHANESULFONIC ACID' 'C6 H13 N O4 S'
SRT non-polymer 'S,R MESO-TARTARIC ACID' 'C4 H6 O6'
TAR non-polymer 'D(-)-TARTARIC ACID' 'C4 H6 O6'
TLA non-polymer 'L(+)-TARTARIC ACID' 'C4 H6 O6'
TRS non-polymer 2-AMINO-2-HYDROXYMETHYL-PROPANE-1,3-DIOL 'C4 H12 N O3 1'
#
# COMPACT_ATOMS: atom_id res chain seq x y z
N MET A 1 23.58 -10.53 -2.46
N MET A 1 23.59 -10.41 -3.14
CA MET A 1 23.47 -9.13 -2.94
CA MET A 1 23.36 -9.04 -3.64
C MET A 1 22.02 -8.65 -2.76
C MET A 1 21.97 -8.56 -3.22
N ASN A 2 21.87 -7.33 -2.72
CA ASN A 2 20.56 -6.71 -2.44
C ASN A 2 20.11 -5.94 -3.67
N PHE A 3 18.79 -5.81 -3.87
CA PHE A 3 18.27 -5.20 -5.08
C PHE A 3 17.05 -4.28 -4.79
N PHE A 4 16.92 -3.26 -5.61
CA PHE A 4 15.80 -2.32 -5.54
C PHE A 4 15.19 -2.14 -6.89
N SER A 5 13.86 -2.15 -6.95
CA SER A 5 13.19 -1.86 -8.19
C SER A 5 12.02 -0.92 -7.97
N LEU A 6 11.86 0.03 -8.90
CA LEU A 6 10.59 0.76 -9.03
C LEU A 6 10.03 0.35 -10.37
N HIS A 7 8.89 -0.34 -10.34
CA HIS A 7 8.26 -0.83 -11.54
C HIS A 7 6.96 -0.07 -11.80
N PRO A 8 6.40 -0.19 -13.01
CA PRO A 8 6.87 -0.98 -14.17
C PRO A 8 7.98 -0.30 -14.99
N ASN A 9 9.14 -0.96 -15.02
CA ASN A 9 10.27 -0.58 -15.88
C ASN A 9 10.72 0.87 -15.69
N VAL A 10 10.78 1.33 -14.44
CA VAL A 10 11.12 2.72 -14.21
C VAL A 10 12.57 2.77 -13.84
N TYR A 11 12.92 2.07 -12.77
CA TYR A 11 14.30 2.14 -12.22
C TYR A 11 14.60 0.83 -11.53
N ALA A 12 15.81 0.28 -11.74
CA ALA A 12 16.23 -0.89 -10.99
C ALA A 12 17.76 -0.90 -10.82
N THR A 13 18.23 -1.34 -9.67
CA THR A 13 19.65 -1.36 -9.42
C THR A 13 20.31 -2.59 -9.98
N GLY A 14 19.54 -3.63 -10.26
CA GLY A 14 20.10 -4.85 -10.81
C GLY A 14 19.16 -5.69 -11.64
N ARG A 15 19.35 -7.00 -11.57
CA ARG A 15 18.64 -7.94 -12.44
C ARG A 15 17.10 -7.90 -12.26
N PRO A 16 16.60 -8.02 -11.05
CA PRO A 16 15.14 -8.04 -10.84
C PRO A 16 14.56 -6.64 -11.11
N LYS A 17 13.58 -6.57 -11.99
CA LYS A 17 13.11 -5.29 -12.48
C LYS A 17 11.74 -4.84 -11.87
N GLY A 18 11.21 -5.65 -10.98
CA GLY A 18 9.95 -5.34 -10.32
C GLY A 18 9.63 -6.44 -9.36
N LEU A 19 8.43 -6.36 -8.76
CA LEU A 19 8.03 -7.29 -7.74
C LEU A 19 8.07 -8.70 -8.25
N ILE A 20 7.59 -8.94 -9.46
CA ILE A 20 7.64 -10.32 -9.97
C ILE A 20 9.09 -10.82 -10.01
N GLY A 21 9.99 -9.99 -10.53
CA GLY A 21 11.43 -10.28 -10.57
C GLY A 21 12.07 -10.52 -9.21
N MET A 22 11.65 -9.75 -8.21
CA MET A 22 12.13 -9.96 -6.86
C MET A 22 11.66 -11.30 -6.31
N LEU A 23 10.40 -11.66 -6.58
CA LEU A 23 9.91 -12.95 -6.08
C LEU A 23 10.52 -14.14 -6.86
N GLU A 24 10.78 -13.92 -8.13
CA GLU A 24 11.47 -14.89 -8.96
C GLU A 24 12.87 -15.14 -8.37
N ASN A 25 13.51 -14.10 -7.83
CA ASN A 25 14.80 -14.30 -7.16
C ASN A 25 14.65 -15.12 -5.91
N VAL A 26 13.84 -14.68 -4.95
CA VAL A 26 13.80 -15.35 -3.68
C VAL A 26 13.10 -16.70 -3.71
N TRP A 27 12.14 -16.91 -4.61
CA TRP A 27 11.38 -18.14 -4.63
C TRP A 27 11.75 -19.06 -5.78
N VAL A 28 12.55 -18.63 -6.73
CA VAL A 28 12.87 -19.50 -7.86
C VAL A 28 14.41 -19.60 -8.02
N SER A 29 15.05 -18.51 -8.43
CA SER A 29 16.44 -18.53 -8.84
C SER A 29 17.40 -18.78 -7.65
N ASN A 30 17.07 -18.30 -6.47
N ASN A 30 17.06 -18.24 -6.47
CA ASN A 30 17.95 -18.59 -5.39
CA ASN A 30 17.82 -18.45 -5.22
C ASN A 30 17.31 -19.50 -4.34
C ASN A 30 17.27 -19.51 -4.29
N HIS A 31 16.39 -20.36 -4.79
CA HIS A 31 15.74 -21.28 -3.88
C HIS A 31 15.70 -22.71 -4.39
N THR A 32 15.84 -23.65 -3.44
CA THR A 32 15.70 -25.05 -3.78
C THR A 32 14.35 -25.52 -3.31
N PRO A 33 13.54 -26.01 -4.24
CA PRO A 33 12.23 -26.51 -3.86
C PRO A 33 12.25 -27.52 -2.74
N GLY A 34 11.48 -27.23 -1.70
CA GLY A 34 11.28 -28.13 -0.60
C GLY A 34 12.09 -27.70 0.62
N GLU A 35 13.03 -26.77 0.44
CA GLU A 35 13.83 -26.35 1.58
C GLU A 35 13.17 -25.24 2.34
N GLY A 36 12.84 -25.49 3.59
CA GLY A 36 12.35 -24.46 4.46
C GLY A 36 10.96 -23.94 4.10
N THR A 37 10.76 -22.65 4.36
CA THR A 37 9.44 -22.02 4.36
C THR A 37 9.45 -20.81 3.43
N LEU A 38 8.44 -20.74 2.56
CA LEU A 38 8.19 -19.48 1.81
C LEU A 38 7.14 -18.67 2.55
N TYR A 39 7.35 -17.37 2.62
CA TYR A 39 6.44 -16.51 3.28
C TYR A 39 5.83 -15.46 2.35
N LEU A 40 4.53 -15.22 2.48
N LEU A 40 4.54 -15.22 2.60
CA LEU A 40 3.90 -14.12 1.74
CA LEU A 40 3.67 -14.34 1.81
C LEU A 40 2.91 -13.49 2.67
C LEU A 40 2.87 -13.51 2.81
N ILE A 41 3.15 -12.21 2.93
CA ILE A 41 2.31 -11.35 3.75
C ILE A 41 1.80 -10.19 2.87
N SER A 42 0.49 -10.06 2.74
CA SER A 42 -0.07 -9.03 1.84
C SER A 42 -1.49 -8.65 2.30
N GLY A 43 -1.70 -7.36 2.57
CA GLY A 43 -3.01 -6.86 2.89
C GLY A 43 -4.10 -7.22 1.89
N PHE A 44 -3.77 -7.09 0.59
CA PHE A 44 -4.71 -7.34 -0.48
C PHE A 44 -4.19 -8.53 -1.27
N SER A 45 -5.10 -9.33 -1.81
CA SER A 45 -4.72 -10.40 -2.71
C SER A 45 -5.84 -10.79 -3.64
N ASN A 46 -5.47 -11.15 -4.87
CA ASN A 46 -6.43 -11.68 -5.80
C ASN A 46 -5.81 -12.75 -6.66
N TYR A 47 -6.63 -13.38 -7.48
CA TYR A 47 -6.24 -14.61 -8.16
C TYR A 47 -5.06 -14.42 -9.12
N ASN A 48 -5.15 -13.39 -9.94
CA ASN A 48 -4.09 -13.12 -10.90
C ASN A 48 -2.81 -12.66 -10.25
N GLY A 49 -2.90 -12.21 -8.99
CA GLY A 49 -1.70 -11.86 -8.22
C GLY A 49 -0.86 -13.11 -7.92
N GLY A 50 -1.46 -14.30 -8.01
CA GLY A 50 -0.76 -15.53 -7.72
C GLY A 50 -0.44 -16.48 -8.87
N VAL A 51 -1.01 -16.26 -10.04
CA VAL A 51 -0.78 -17.18 -11.14
C VAL A 51 0.66 -17.45 -11.51
N ARG A 52 1.52 -16.48 -11.40
CA ARG A 52 2.94 -16.73 -11.67
C ARG A 52 3.52 -17.82 -10.71
N PHE A 53 2.99 -17.94 -9.51
CA PHE A 53 3.64 -18.70 -8.44
C PHE A 53 2.90 -19.87 -7.90
N TYR A 54 1.65 -20.10 -8.34
CA TYR A 54 0.93 -21.24 -7.75
C TYR A 54 1.75 -22.56 -7.93
N GLU A 55 2.33 -22.76 -9.10
CA GLU A 55 3.07 -23.98 -9.40
C GLU A 55 4.36 -24.05 -8.57
N THR A 56 4.97 -22.89 -8.37
CA THR A 56 6.13 -22.75 -7.50
C THR A 56 5.81 -23.23 -6.10
N PHE A 57 4.65 -22.82 -5.57
CA PHE A 57 4.26 -23.16 -4.22
C PHE A 57 3.99 -24.66 -4.17
N THR A 58 3.35 -25.18 -5.19
CA THR A 58 2.99 -26.59 -5.27
C THR A 58 4.24 -27.45 -5.28
N GLU A 59 5.20 -27.13 -6.14
N GLU A 59 5.19 -27.09 -6.14
CA GLU A 59 6.42 -27.94 -6.15
CA GLU A 59 6.46 -27.83 -6.24
C GLU A 59 7.14 -27.84 -4.82
C GLU A 59 7.26 -27.77 -4.95
N HIS A 60 7.20 -26.63 -4.26
CA HIS A 60 7.90 -26.45 -3.00
C HIS A 60 7.28 -27.34 -1.94
N ILE A 61 5.95 -27.36 -1.89
CA ILE A 61 5.29 -28.14 -0.86
C ILE A 61 5.41 -29.66 -1.23
N ASN A 62 5.26 -29.98 -2.50
CA ASN A 62 5.36 -31.38 -2.96
C ASN A 62 6.77 -31.94 -2.59
N GLN A 63 7.76 -31.05 -2.49
CA GLN A 63 9.09 -31.45 -2.11
C GLN A 63 9.42 -31.33 -0.63
N GLY A 64 8.42 -31.18 0.22
CA GLY A 64 8.58 -31.22 1.67
C GLY A 64 8.64 -29.87 2.34
N GLY A 65 8.44 -28.81 1.57
CA GLY A 65 8.50 -27.46 2.08
C GLY A 65 7.17 -26.97 2.61
N ARG A 66 7.20 -25.81 3.26
CA ARG A 66 6.00 -25.19 3.79
C ARG A 66 5.83 -23.78 3.14
N VAL A 67 4.58 -23.34 2.98
CA VAL A 67 4.30 -21.96 2.57
C VAL A 67 3.29 -21.38 3.57
N ILE A 68 3.59 -20.20 4.10
CA ILE A 68 2.72 -19.53 5.03
C ILE A 68 2.29 -18.18 4.39
N ALA A 69 0.98 -17.97 4.27
CA ALA A 69 0.41 -16.71 3.73
C ALA A 69 -0.43 -16.09 4.84
N ILE A 70 -0.19 -14.82 5.07
CA ILE A 70 -1.02 -14.05 5.98
C ILE A 70 -1.58 -12.90 5.13
N LEU A 71 -2.89 -12.87 5.01
CA LEU A 71 -3.58 -11.98 4.10
C LEU A 71 -4.61 -11.18 4.88
N GLY A 72 -4.99 -10.00 4.37
CA GLY A 72 -6.04 -9.24 4.96
C GLY A 72 -7.41 -9.72 4.57
N GLY A 73 -8.35 -9.56 5.49
CA GLY A 73 -9.73 -9.89 5.20
C GLY A 73 -10.67 -8.94 5.92
N SER A 74 -11.88 -8.82 5.40
CA SER A 74 -12.84 -7.86 5.93
C SER A 74 -14.24 -8.20 5.46
N THR A 75 -15.24 -7.98 6.33
CA THR A 75 -16.63 -8.09 5.88
C THR A 75 -17.12 -6.91 5.07
N SER A 76 -16.40 -5.80 5.10
CA SER A 76 -16.89 -4.56 4.50
C SER A 76 -15.94 -3.96 3.47
N GLN A 77 -14.81 -4.62 3.25
CA GLN A 77 -13.87 -4.15 2.27
C GLN A 77 -13.40 -5.33 1.43
N ARG A 78 -13.13 -5.08 0.16
CA ARG A 78 -12.53 -6.08 -0.73
C ARG A 78 -10.99 -6.12 -0.59
N LEU A 79 -10.48 -6.97 0.29
CA LEU A 79 -9.06 -7.10 0.50
C LEU A 79 -8.50 -8.30 -0.19
N SER A 80 -8.90 -9.47 0.28
CA SER A 80 -8.41 -10.73 -0.31
C SER A 80 -9.59 -11.54 -0.81
N SER A 81 -9.44 -12.20 -1.94
CA SER A 81 -10.59 -12.86 -2.56
C SER A 81 -10.68 -14.34 -2.17
N ARG A 82 -11.89 -14.86 -2.23
N ARG A 82 -11.90 -14.87 -2.23
N ARG A 82 -11.88 -14.87 -2.23
CA ARG A 82 -12.15 -16.29 -2.10
CA ARG A 82 -12.10 -16.31 -2.08
CA ARG A 82 -12.07 -16.30 -2.03
C ARG A 82 -11.32 -17.08 -3.08
C ARG A 82 -11.29 -17.09 -3.07
C ARG A 82 -11.34 -17.11 -3.08
N GLN A 83 -11.23 -16.57 -4.30
CA GLN A 83 -10.52 -17.27 -5.36
C GLN A 83 -9.08 -17.49 -5.03
N VAL A 84 -8.39 -16.45 -4.58
CA VAL A 84 -6.98 -16.64 -4.34
C VAL A 84 -6.77 -17.60 -3.15
N VAL A 85 -7.59 -17.43 -2.12
CA VAL A 85 -7.45 -18.23 -0.95
C VAL A 85 -7.76 -19.72 -1.23
N GLU A 86 -8.82 -20.01 -1.98
CA GLU A 86 -9.20 -21.37 -2.45
C GLU A 86 -8.03 -22.03 -3.06
N GLU A 87 -7.40 -21.30 -3.96
CA GLU A 87 -6.29 -21.82 -4.74
C GLU A 87 -5.08 -22.09 -3.85
N LEU A 88 -4.69 -21.12 -3.01
CA LEU A 88 -3.54 -21.32 -2.11
C LEU A 88 -3.77 -22.56 -1.21
N LEU A 89 -4.94 -22.64 -0.60
CA LEU A 89 -5.26 -23.73 0.34
C LEU A 89 -5.16 -25.04 -0.44
N ASN A 90 -5.73 -25.05 -1.62
CA ASN A 90 -5.69 -26.29 -2.42
C ASN A 90 -4.27 -26.75 -2.75
N ARG A 91 -3.30 -25.84 -2.76
CA ARG A 91 -1.93 -26.23 -3.01
C ARG A 91 -1.21 -26.67 -1.73
N GLY A 92 -1.88 -26.55 -0.60
CA GLY A 92 -1.25 -26.87 0.68
C GLY A 92 -0.67 -25.68 1.40
N VAL A 93 -0.95 -24.48 0.92
CA VAL A 93 -0.48 -23.29 1.63
C VAL A 93 -1.21 -23.12 2.97
N GLU A 94 -0.48 -22.67 4.00
CA GLU A 94 -1.12 -22.37 5.25
C GLU A 94 -1.53 -20.91 5.25
N VAL A 95 -2.81 -20.65 5.23
CA VAL A 95 -3.34 -19.30 5.05
C VAL A 95 -4.01 -18.77 6.28
N HIS A 96 -3.59 -17.59 6.76
CA HIS A 96 -4.17 -16.93 7.93
C HIS A 96 -4.71 -15.61 7.45
N ILE A 97 -5.94 -15.32 7.84
CA ILE A 97 -6.61 -14.07 7.46
C ILE A 97 -6.70 -13.20 8.69
N ILE A 98 -6.21 -11.96 8.58
CA ILE A 98 -6.25 -11.01 9.68
C ILE A 98 -7.39 -10.03 9.40
N ASN A 99 -8.31 -9.92 10.36
CA ASN A 99 -9.41 -9.01 10.30
C ASN A 99 -9.17 -7.95 11.41
N ARG A 100 -8.95 -6.71 11.03
CA ARG A 100 -8.61 -5.64 11.99
C ARG A 100 -9.06 -4.32 11.46
N LYS A 101 -9.58 -3.47 12.34
CA LYS A 101 -10.16 -2.20 11.91
C LYS A 101 -9.17 -1.41 11.11
N ARG A 102 -7.98 -1.22 11.66
CA ARG A 102 -6.83 -0.78 10.90
C ARG A 102 -6.16 -2.00 10.31
N ILE A 103 -6.16 -2.08 8.99
CA ILE A 103 -5.90 -3.36 8.32
C ILE A 103 -4.47 -3.76 8.37
N LEU A 104 -4.24 -5.03 8.10
CA LEU A 104 -2.97 -5.53 7.68
C LEU A 104 -2.65 -4.81 6.40
N HIS A 105 -1.62 -3.99 6.40
CA HIS A 105 -1.31 -3.19 5.22
C HIS A 105 0.05 -3.54 4.65
N ALA A 106 0.79 -4.35 5.40
CA ALA A 106 2.12 -4.75 4.99
C ALA A 106 2.15 -5.65 3.74
N LYS A 107 3.26 -5.58 3.00
CA LYS A 107 3.51 -6.42 1.80
C LYS A 107 4.96 -6.88 1.92
N LEU A 108 5.09 -8.14 2.28
CA LEU A 108 6.42 -8.72 2.57
C LEU A 108 6.44 -10.13 2.06
N TYR A 109 7.56 -10.53 1.46
CA TYR A 109 7.70 -11.83 0.89
C TYR A 109 9.11 -12.38 1.11
N GLY A 110 9.23 -13.67 1.19
CA GLY A 110 10.59 -14.19 1.25
C GLY A 110 10.70 -15.65 1.64
N THR A 111 11.82 -15.98 2.28
CA THR A 111 12.09 -17.37 2.63
C THR A 111 12.94 -17.44 3.87
N SER A 112 12.85 -18.58 4.56
CA SER A 112 13.67 -18.90 5.72
C SER A 112 14.01 -20.38 5.58
N ASN A 113 15.29 -20.66 5.66
CA ASN A 113 15.72 -22.05 5.82
C ASN A 113 17.01 -22.10 6.60
N ASN A 114 17.63 -23.28 6.62
CA ASN A 114 18.84 -23.53 7.42
C ASN A 114 19.95 -22.54 7.09
N LEU A 115 19.98 -22.09 5.84
CA LEU A 115 21.05 -21.21 5.39
C LEU A 115 20.82 -19.77 5.87
N GLY A 116 19.56 -19.34 5.95
CA GLY A 116 19.27 -17.96 6.31
C GLY A 116 17.91 -17.48 5.83
N GLU A 117 17.74 -16.15 5.90
CA GLU A 117 16.47 -15.47 5.61
C GLU A 117 16.67 -14.60 4.39
N SER A 118 15.70 -14.61 3.48
N SER A 118 15.68 -14.60 3.50
CA SER A 118 15.65 -13.58 2.49
CA SER A 118 15.65 -13.65 2.41
C SER A 118 14.35 -12.82 2.62
C SER A 118 14.35 -12.86 2.55
N LEU A 119 14.39 -11.55 2.26
CA LEU A 119 13.26 -10.64 2.52
C LEU A 119 13.07 -9.65 1.38
N VAL A 120 11.84 -9.57 0.91
CA VAL A 120 11.43 -8.57 -0.04
C VAL A 120 10.37 -7.77 0.68
N VAL A 121 10.63 -6.48 0.81
CA VAL A 121 9.65 -5.52 1.29
C VAL A 121 9.19 -4.68 0.12
N SER A 122 7.88 -4.55 -0.04
CA SER A 122 7.34 -3.92 -1.23
C SER A 122 6.15 -3.02 -0.87
N SER A 123 5.84 -2.09 -1.76
CA SER A 123 4.48 -1.52 -1.74
C SER A 123 3.45 -2.38 -2.46
N GLY A 124 3.88 -3.39 -3.19
CA GLY A 124 2.98 -4.13 -4.07
C GLY A 124 2.31 -5.29 -3.38
N ASN A 125 0.96 -5.29 -3.37
CA ASN A 125 0.19 -6.45 -2.90
C ASN A 125 0.30 -7.65 -3.82
N PHE A 126 -0.15 -8.79 -3.34
CA PHE A 126 -0.17 -10.01 -4.10
C PHE A 126 -1.41 -10.00 -4.95
N THR A 127 -1.45 -9.05 -5.87
CA THR A 127 -2.61 -8.79 -6.71
C THR A 127 -2.12 -8.54 -8.13
N GLY A 128 -3.02 -8.68 -9.08
CA GLY A 128 -2.69 -8.41 -10.46
C GLY A 128 -2.04 -7.06 -10.64
N PRO A 129 -2.67 -5.97 -10.18
CA PRO A 129 -2.08 -4.63 -10.26
C PRO A 129 -0.71 -4.48 -9.55
N GLY A 130 -0.57 -5.11 -8.40
CA GLY A 130 0.70 -5.08 -7.66
C GLY A 130 1.80 -5.72 -8.47
N MET A 131 1.47 -6.76 -9.21
CA MET A 131 2.45 -7.49 -9.98
C MET A 131 2.67 -6.94 -11.38
N SER A 132 1.90 -5.91 -11.78
N SER A 132 1.91 -5.92 -11.79
CA SER A 132 1.90 -5.50 -13.17
CA SER A 132 1.96 -5.49 -13.17
C SER A 132 2.16 -3.99 -13.28
C SER A 132 2.17 -3.97 -13.25
N GLN A 133 1.10 -3.20 -13.44
CA GLN A 133 1.24 -1.84 -13.85
C GLN A 133 1.19 -0.76 -12.76
N ASN A 134 0.81 -1.07 -11.54
CA ASN A 134 0.88 -0.06 -10.47
C ASN A 134 2.33 0.36 -10.37
N ILE A 135 2.58 1.62 -10.04
CA ILE A 135 3.96 2.04 -9.78
C ILE A 135 4.31 1.53 -8.37
N GLU A 136 5.18 0.52 -8.28
CA GLU A 136 5.51 -0.14 -7.04
C GLU A 136 7.05 -0.16 -6.81
N ALA A 137 7.41 0.06 -5.57
CA ALA A 137 8.80 -0.05 -5.06
C ALA A 137 9.02 -1.33 -4.30
N SER A 138 10.13 -2.04 -4.59
CA SER A 138 10.43 -3.25 -3.87
C SER A 138 11.93 -3.29 -3.55
N LEU A 139 12.24 -3.83 -2.39
CA LEU A 139 13.62 -3.99 -1.88
C LEU A 139 13.84 -5.40 -1.43
N LEU A 140 14.86 -6.04 -2.03
N LEU A 140 14.90 -6.01 -1.96
CA LEU A 140 15.24 -7.41 -1.68
CA LEU A 140 15.23 -7.39 -1.72
C LEU A 140 16.56 -7.34 -0.92
C LEU A 140 16.58 -7.44 -0.97
N LEU A 141 16.56 -7.98 0.25
CA LEU A 141 17.76 -8.16 1.08
C LEU A 141 18.14 -9.63 1.11
N ASP A 142 19.43 -9.87 0.92
CA ASP A 142 19.94 -11.23 0.92
C ASP A 142 20.26 -11.79 2.29
N ASN A 143 20.72 -13.05 2.31
CA ASN A 143 21.00 -13.77 3.56
C ASN A 143 21.98 -13.06 4.50
N ASN A 144 23.05 -12.54 3.93
N ASN A 144 23.06 -12.56 3.95
CA ASN A 144 24.08 -11.85 4.71
CA ASN A 144 24.04 -11.83 4.75
C ASN A 144 23.57 -10.55 5.34
C ASN A 144 23.44 -10.63 5.42
N THR A 145 22.69 -9.84 4.65
CA THR A 145 22.17 -8.59 5.15
C THR A 145 21.07 -8.79 6.20
N THR A 146 20.17 -9.75 5.99
CA THR A 146 19.20 -10.08 7.01
C THR A 146 19.87 -10.62 8.28
N GLN A 147 20.92 -11.41 8.10
CA GLN A 147 21.66 -11.91 9.27
C GLN A 147 22.25 -10.74 10.06
N SER A 148 22.99 -9.85 9.38
CA SER A 148 23.61 -8.71 10.03
C SER A 148 22.60 -7.81 10.72
N MET A 149 21.38 -7.72 10.19
CA MET A 149 20.37 -6.85 10.78
C MET A 149 19.66 -7.46 11.91
N GLY A 150 19.74 -8.76 11.98
CA GLY A 150 18.97 -9.50 12.95
C GLY A 150 17.55 -9.82 12.53
N PHE A 151 17.26 -9.84 11.24
CA PHE A 151 15.88 -10.17 10.84
C PHE A 151 15.55 -11.68 10.92
N SER A 152 14.39 -12.02 11.48
CA SER A 152 13.93 -13.40 11.51
C SER A 152 12.45 -13.52 11.21
N TRP A 153 12.10 -14.27 10.18
CA TRP A 153 10.70 -14.56 9.81
C TRP A 153 9.93 -15.20 10.96
N ASN A 154 10.54 -16.21 11.55
N ASN A 154 10.51 -16.22 11.58
CA ASN A 154 9.94 -16.97 12.66
CA ASN A 154 9.80 -16.93 12.63
C ASN A 154 9.57 -16.07 13.81
C ASN A 154 9.54 -16.04 13.84
N ASP A 155 10.49 -15.19 14.18
CA ASP A 155 10.32 -14.29 15.30
C ASP A 155 9.22 -13.31 14.96
N MET A 156 9.26 -12.74 13.76
CA MET A 156 8.21 -11.82 13.33
C MET A 156 6.83 -12.48 13.28
N ILE A 157 6.71 -13.64 12.63
CA ILE A 157 5.43 -14.35 12.56
C ILE A 157 4.92 -14.72 13.92
N SER A 158 5.81 -15.17 14.81
CA SER A 158 5.41 -15.45 16.20
C SER A 158 4.85 -14.22 16.88
N GLU A 159 5.45 -13.05 16.70
CA GLU A 159 4.89 -11.86 17.30
C GLU A 159 3.51 -11.53 16.71
N MET A 160 3.38 -11.64 15.39
CA MET A 160 2.10 -11.35 14.72
C MET A 160 1.01 -12.21 15.28
N LEU A 161 1.35 -13.46 15.60
CA LEU A 161 0.38 -14.42 16.14
C LEU A 161 0.05 -14.20 17.62
N ASN A 162 0.72 -13.25 18.27
CA ASN A 162 0.47 -12.94 19.67
C ASN A 162 0.15 -11.46 19.96
N GLN A 163 -0.75 -10.88 19.16
CA GLN A 163 -1.13 -9.50 19.33
C GLN A 163 -2.56 -9.33 19.81
N ASN A 164 -3.28 -10.43 19.96
N ASN A 164 -3.27 -10.44 19.95
CA ASN A 164 -4.70 -10.37 20.29
CA ASN A 164 -4.69 -10.41 20.25
C ASN A 164 -5.58 -10.15 19.07
C ASN A 164 -5.44 -9.82 19.07
N TRP A 165 -4.97 -10.15 17.88
CA TRP A 165 -5.72 -9.86 16.67
C TRP A 165 -6.71 -10.95 16.32
N HIS A 166 -7.67 -10.62 15.46
CA HIS A 166 -8.61 -11.61 14.97
C HIS A 166 -7.96 -12.19 13.72
N ILE A 167 -7.34 -13.33 13.85
CA ILE A 167 -6.66 -14.10 12.91
C ILE A 167 -7.33 -15.44 12.69
N HIS A 168 -7.78 -15.67 11.45
CA HIS A 168 -8.44 -16.91 11.08
C HIS A 168 -7.51 -17.83 10.36
N ASN A 169 -7.17 -18.94 11.01
CA ASN A 169 -6.34 -19.92 10.33
C ASN A 169 -7.25 -20.73 9.37
N MET A 170 -7.05 -20.54 8.08
N MET A 170 -7.07 -20.56 8.07
CA MET A 170 -7.89 -21.17 7.07
CA MET A 170 -7.94 -21.23 7.11
C MET A 170 -7.35 -22.51 6.56
C MET A 170 -7.34 -22.51 6.53
N THR A 171 -6.15 -22.90 6.99
CA THR A 171 -5.60 -24.22 6.67
C THR A 171 -6.66 -25.28 7.08
N ASN A 172 -7.02 -26.23 6.25
CA ASN A 172 -8.16 -27.09 6.66
C ASN A 172 -9.51 -26.38 6.94
N ALA A 173 -9.75 -25.25 6.27
CA ALA A 173 -11.08 -24.62 6.33
C ALA A 173 -12.12 -25.57 5.76
N THR A 174 -13.31 -25.53 6.32
CA THR A 174 -14.48 -26.12 5.63
C THR A 174 -15.43 -25.05 5.14
N ASP A 175 -16.53 -25.47 4.52
CA ASP A 175 -17.56 -24.54 4.08
C ASP A 175 -18.07 -23.68 5.22
N ALA A 176 -17.95 -24.15 6.45
CA ALA A 176 -18.55 -23.46 7.59
C ALA A 176 -17.64 -22.39 8.16
N SER A 177 -16.38 -22.39 7.76
N SER A 177 -16.38 -22.37 7.74
CA SER A 177 -15.38 -21.56 8.40
CA SER A 177 -15.38 -21.54 8.37
C SER A 177 -15.72 -20.10 8.18
C SER A 177 -15.75 -20.10 8.18
N PRO A 178 -15.80 -19.34 9.27
CA PRO A 178 -16.20 -17.93 9.22
C PRO A 178 -15.18 -17.04 8.48
N GLY A 179 -13.98 -17.53 8.25
CA GLY A 179 -12.99 -16.82 7.45
C GLY A 179 -13.48 -16.53 6.04
N TRP A 180 -14.31 -17.40 5.48
CA TRP A 180 -14.86 -17.16 4.16
C TRP A 180 -15.60 -15.85 4.06
N ASN A 181 -16.24 -15.40 5.13
N ASN A 181 -16.26 -15.43 5.14
CA ASN A 181 -17.00 -14.15 5.09
CA ASN A 181 -17.03 -14.17 5.13
C ASN A 181 -16.12 -12.92 5.15
C ASN A 181 -16.11 -12.95 5.02
N LEU A 182 -14.82 -13.15 5.25
CA LEU A 182 -13.87 -12.06 5.21
C LEU A 182 -13.25 -11.87 3.84
N LEU A 183 -13.63 -12.75 2.91
CA LEU A 183 -13.01 -12.82 1.61
C LEU A 183 -14.05 -12.47 0.55
N TYR A 184 -13.67 -11.60 -0.40
CA TYR A 184 -14.64 -11.16 -1.38
C TYR A 184 -14.63 -12.05 -2.60
N ASP A 185 -15.68 -11.94 -3.41
CA ASP A 185 -15.83 -12.76 -4.62
C ASP A 185 -15.48 -11.94 -5.82
N GLU A 186 -14.43 -12.35 -6.52
CA GLU A 186 -14.01 -11.65 -7.72
C GLU A 186 -15.04 -11.60 -8.82
N ARG A 187 -16.02 -12.49 -8.76
CA ARG A 187 -17.05 -12.54 -9.79
C ARG A 187 -18.09 -11.45 -9.60
N THR A 188 -18.11 -10.84 -8.42
CA THR A 188 -18.94 -9.69 -8.12
C THR A 188 -18.24 -8.42 -8.55
N THR A 189 -18.70 -7.82 -9.62
CA THR A 189 -18.03 -6.59 -10.14
C THR A 189 -19.04 -5.52 -10.37
N ASN A 190 -18.59 -4.28 -10.55
CA ASN A 190 -19.57 -3.21 -10.69
C ASN A 190 -20.31 -3.30 -12.03
N LEU A 191 -21.44 -2.61 -12.14
CA LEU A 191 -22.25 -2.63 -13.36
C LEU A 191 -21.43 -2.13 -14.55
N THR A 192 -20.74 -1.03 -14.35
CA THR A 192 -19.89 -0.52 -15.39
C THR A 192 -18.46 -0.63 -14.96
N LEU A 193 -17.61 -0.78 -15.95
CA LEU A 193 -16.18 -0.85 -15.77
C LEU A 193 -15.67 0.43 -15.17
N ASP A 194 -14.93 0.32 -14.07
CA ASP A 194 -14.28 1.46 -13.45
C ASP A 194 -13.37 2.21 -14.39
N GLU A 195 -13.35 3.53 -14.24
CA GLU A 195 -12.52 4.40 -15.06
C GLU A 195 -11.08 3.96 -15.06
N THR A 196 -10.57 3.47 -13.93
CA THR A 196 -9.16 3.07 -13.87
C THR A 196 -8.85 1.84 -14.75
N GLU A 197 -9.89 1.11 -15.14
CA GLU A 197 -9.71 -0.13 -15.93
C GLU A 197 -9.91 0.12 -17.42
N ARG A 198 -10.34 1.34 -17.77
CA ARG A 198 -10.67 1.69 -19.16
C ARG A 198 -9.44 2.02 -19.97
N VAL A 199 -8.67 0.98 -20.32
CA VAL A 199 -7.44 1.15 -21.03
C VAL A 199 -7.33 0.21 -22.19
N THR A 200 -6.42 0.54 -23.05
CA THR A 200 -6.10 -0.21 -24.27
C THR A 200 -4.66 -0.65 -24.26
N LEU A 201 -4.45 -1.93 -24.55
CA LEU A 201 -3.18 -2.51 -24.71
C LEU A 201 -2.75 -2.31 -26.16
N ILE A 202 -1.57 -1.74 -26.34
CA ILE A 202 -0.96 -1.50 -27.64
C ILE A 202 0.18 -2.46 -27.76
N VAL A 203 0.20 -3.31 -28.78
CA VAL A 203 1.30 -4.22 -28.93
C VAL A 203 1.68 -4.37 -30.40
N THR A 204 2.97 -4.43 -30.65
CA THR A 204 3.45 -4.57 -32.01
C THR A 204 3.39 -6.03 -32.42
N LEU A 205 3.08 -6.28 -33.70
CA LEU A 205 2.95 -7.64 -34.21
C LEU A 205 4.15 -8.11 -35.03
N GLY A 206 4.46 -9.38 -34.92
CA GLY A 206 5.51 -10.02 -35.68
C GLY A 206 5.04 -11.16 -36.56
N HIS A 207 6.03 -11.85 -37.14
CA HIS A 207 5.84 -13.00 -38.01
C HIS A 207 5.12 -14.03 -37.24
N ALA A 208 5.72 -14.68 -36.21
CA ALA A 208 4.50 -15.46 -35.36
C ALA A 208 3.03 -15.02 -35.19
N ASP A 209 2.81 -13.73 -34.94
CA ASP A 209 1.47 -13.22 -34.71
C ASP A 209 0.63 -13.25 -36.00
N THR A 210 1.26 -13.02 -37.17
CA THR A 210 0.50 -12.67 -38.37
C THR A 210 0.64 -13.63 -39.58
N ALA A 211 1.61 -14.54 -39.56
CA ALA A 211 1.80 -15.47 -40.67
C ALA A 211 0.52 -16.18 -41.11
N ARG A 212 -0.24 -16.69 -40.16
CA ARG A 212 -1.41 -17.45 -40.46
C ARG A 212 -2.58 -16.55 -40.80
N ILE A 213 -2.48 -15.27 -40.49
CA ILE A 213 -3.46 -14.28 -40.87
C ILE A 213 -3.28 -13.87 -42.33
N GLN A 214 -2.03 -13.67 -42.72
CA GLN A 214 -1.66 -13.34 -44.10
C GLN A 214 -1.77 -14.50 -45.08
N ALA A 215 -1.62 -15.74 -44.57
CA ALA A 215 -1.65 -16.94 -45.38
C ALA A 215 -2.90 -16.99 -46.25
N ALA A 216 -2.74 -17.41 -47.50
CA ALA A 216 -3.84 -17.45 -48.41
C ALA A 216 -4.85 -18.43 -47.90
N PRO A 217 -6.13 -18.11 -48.07
CA PRO A 217 -7.20 -18.86 -47.45
C PRO A 217 -7.11 -20.34 -47.70
N GLY A 218 -7.15 -21.10 -46.61
CA GLY A 218 -7.15 -22.54 -46.66
C GLY A 218 -5.78 -23.19 -46.87
N THR A 219 -4.69 -22.45 -46.95
CA THR A 219 -3.36 -23.02 -47.19
C THR A 219 -2.71 -23.51 -45.91
N THR A 220 -1.72 -24.36 -46.07
CA THR A 220 -1.13 -25.05 -44.95
C THR A 220 -0.37 -24.04 -44.13
N ALA A 221 0.17 -23.00 -44.77
CA ALA A 221 0.81 -21.92 -44.05
C ALA A 221 -0.13 -21.27 -43.06
N GLY A 222 -1.42 -21.54 -43.17
CA GLY A 222 -2.33 -20.87 -42.27
C GLY A 222 -2.72 -21.76 -41.13
N GLN A 223 -2.27 -23.02 -41.16
CA GLN A 223 -2.69 -24.04 -40.21
C GLN A 223 -1.86 -23.95 -38.94
N GLY A 224 -2.41 -24.41 -37.83
CA GLY A 224 -1.71 -24.35 -36.56
C GLY A 224 -2.19 -23.28 -35.59
N THR A 225 -1.48 -23.16 -34.47
CA THR A 225 -1.96 -22.37 -33.36
C THR A 225 -1.80 -20.94 -33.78
N GLN A 226 -2.86 -20.16 -33.66
CA GLN A 226 -2.81 -18.77 -34.07
C GLN A 226 -3.02 -17.93 -32.80
N TYR A 227 -1.96 -17.28 -32.36
CA TYR A 227 -2.01 -16.43 -31.18
C TYR A 227 -1.41 -15.10 -31.52
N PHE A 228 -1.89 -14.05 -30.86
CA PHE A 228 -1.11 -12.85 -30.62
C PHE A 228 -0.36 -13.02 -29.28
N TRP A 229 0.95 -12.89 -29.33
CA TRP A 229 1.75 -12.94 -28.12
C TRP A 229 1.80 -11.56 -27.49
N LEU A 230 1.35 -11.53 -26.25
CA LEU A 230 1.25 -10.32 -25.46
C LEU A 230 2.30 -10.39 -24.27
N SER A 231 2.54 -9.27 -23.62
CA SER A 231 3.42 -9.21 -22.47
C SER A 231 3.35 -10.27 -21.40
N LYS A 232 4.49 -10.57 -20.79
N LYS A 232 4.51 -10.49 -20.81
CA LYS A 232 4.50 -11.58 -19.72
CA LYS A 232 4.67 -11.46 -19.77
C LYS A 232 3.73 -11.13 -18.47
C LYS A 232 4.09 -11.05 -18.41
N ASP A 233 3.52 -9.85 -18.31
CA ASP A 233 3.00 -9.35 -17.02
C ASP A 233 1.64 -8.63 -17.20
N SER A 234 0.69 -9.26 -17.89
CA SER A 234 -0.61 -8.65 -18.13
C SER A 234 -1.64 -9.07 -17.08
N TYR A 235 -1.19 -9.33 -15.83
CA TYR A 235 -2.05 -9.94 -14.80
C TYR A 235 -3.28 -9.09 -14.50
N ASP A 236 -3.12 -7.79 -14.69
CA ASP A 236 -4.15 -6.84 -14.24
C ASP A 236 -5.14 -6.47 -15.33
N PHE A 237 -4.87 -6.87 -16.55
CA PHE A 237 -5.66 -6.44 -17.69
C PHE A 237 -6.78 -7.38 -18.08
N PHE A 238 -6.77 -8.56 -17.50
CA PHE A 238 -7.72 -9.64 -17.79
C PHE A 238 -8.37 -10.08 -16.50
N PRO A 239 -9.53 -10.70 -16.63
CA PRO A 239 -10.30 -11.27 -15.52
C PRO A 239 -9.47 -12.40 -14.92
N PRO A 240 -9.95 -12.95 -13.82
CA PRO A 240 -9.31 -14.07 -13.17
C PRO A 240 -9.10 -15.22 -14.14
N LEU A 241 -7.85 -15.68 -14.23
CA LEU A 241 -7.42 -16.66 -15.19
C LEU A 241 -7.63 -18.08 -14.61
N THR A 242 -8.90 -18.43 -14.42
CA THR A 242 -9.22 -19.58 -13.61
C THR A 242 -9.37 -20.84 -14.46
N ILE A 243 -9.48 -20.72 -15.78
CA ILE A 243 -9.59 -21.92 -16.66
C ILE A 243 -8.24 -22.59 -16.77
N ARG A 244 -8.21 -23.89 -16.47
CA ARG A 244 -6.96 -24.62 -16.36
C ARG A 244 -6.75 -25.62 -17.50
N ASN A 245 -5.49 -25.88 -17.78
CA ASN A 245 -5.08 -26.98 -18.68
C ASN A 245 -5.63 -28.30 -18.17
N ARG A 246 -5.77 -29.26 -19.08
CA ARG A 246 -6.01 -30.66 -18.75
C ARG A 246 -4.89 -31.28 -17.96
N ARG A 247 -5.26 -32.17 -17.04
CA ARG A 247 -4.29 -33.02 -16.34
C ARG A 247 -3.30 -33.65 -17.32
N GLY A 248 -2.03 -33.67 -16.92
CA GLY A 248 -0.95 -34.19 -17.74
C GLY A 248 -0.34 -33.22 -18.74
N THR A 249 -0.86 -32.00 -18.78
CA THR A 249 -0.33 -30.99 -19.69
C THR A 249 0.41 -29.88 -18.97
N LYS A 250 1.10 -29.05 -19.73
CA LYS A 250 1.83 -27.92 -19.15
C LYS A 250 0.78 -26.99 -18.53
N ALA A 251 1.14 -26.39 -17.40
CA ALA A 251 0.20 -25.57 -16.66
C ALA A 251 -0.09 -24.27 -17.39
N THR A 252 -1.38 -23.99 -17.52
CA THR A 252 -1.84 -22.75 -18.09
C THR A 252 -3.05 -22.27 -17.29
N TYR A 253 -3.23 -20.98 -17.35
CA TYR A 253 -4.29 -20.29 -16.69
C TYR A 253 -4.93 -19.33 -17.70
N SER A 254 -6.22 -19.47 -17.90
CA SER A 254 -6.91 -18.79 -18.99
C SER A 254 -8.23 -18.19 -18.55
N SER A 255 -8.70 -17.24 -19.36
CA SER A 255 -10.06 -16.75 -19.27
C SER A 255 -10.68 -16.69 -20.68
N LEU A 256 -11.98 -16.92 -20.74
CA LEU A 256 -12.77 -16.69 -21.94
C LEU A 256 -13.34 -15.29 -21.85
N ILE A 257 -13.09 -14.53 -22.87
CA ILE A 257 -13.52 -13.12 -22.89
C ILE A 257 -14.21 -12.88 -24.22
N ASN A 258 -15.04 -11.83 -24.27
CA ASN A 258 -15.62 -11.36 -25.54
C ASN A 258 -14.63 -10.47 -26.25
N MET A 259 -14.29 -10.83 -27.49
CA MET A 259 -13.36 -10.07 -28.30
C MET A 259 -14.08 -9.57 -29.56
N ASN A 260 -14.35 -8.28 -29.60
CA ASN A 260 -15.01 -7.67 -30.75
C ASN A 260 -13.93 -7.34 -31.76
N TYR A 261 -13.81 -8.21 -32.78
CA TYR A 261 -12.88 -7.92 -33.84
C TYR A 261 -13.45 -6.91 -34.81
N ILE A 262 -13.04 -5.65 -34.61
CA ILE A 262 -13.61 -4.54 -35.35
C ILE A 262 -13.37 -4.69 -36.87
N ASP A 263 -12.22 -5.20 -37.27
CA ASP A 263 -11.85 -5.22 -38.67
C ASP A 263 -12.61 -6.26 -39.50
N ILE A 264 -13.27 -7.21 -38.84
CA ILE A 264 -14.06 -8.21 -39.56
C ILE A 264 -15.48 -8.17 -39.04
N ASN A 265 -15.82 -7.16 -38.25
CA ASN A 265 -17.17 -6.98 -37.71
C ASN A 265 -17.75 -8.26 -37.08
N TYR A 266 -17.01 -8.82 -36.13
CA TYR A 266 -17.34 -10.11 -35.53
C TYR A 266 -16.84 -10.11 -34.09
N THR A 267 -17.75 -10.44 -33.16
CA THR A 267 -17.44 -10.73 -31.76
C THR A 267 -17.30 -12.22 -31.48
N ASP A 268 -16.11 -12.65 -31.10
CA ASP A 268 -15.91 -14.00 -30.58
C ASP A 268 -16.20 -13.98 -29.11
N THR A 269 -17.27 -14.67 -28.70
CA THR A 269 -17.65 -14.72 -27.30
C THR A 269 -16.90 -15.81 -26.55
N GLN A 270 -16.05 -16.57 -27.24
CA GLN A 270 -15.22 -17.58 -26.61
C GLN A 270 -13.72 -17.37 -26.89
N CYS A 271 -13.28 -16.13 -26.91
CA CYS A 271 -11.88 -15.84 -27.15
C CYS A 271 -11.09 -16.20 -25.88
N ARG A 272 -10.02 -16.93 -26.02
CA ARG A 272 -9.26 -17.38 -24.89
C ARG A 272 -7.98 -16.56 -24.72
N VAL A 273 -7.80 -15.99 -23.53
CA VAL A 273 -6.50 -15.42 -23.19
C VAL A 273 -5.87 -16.37 -22.23
N THR A 274 -4.60 -16.64 -22.44
CA THR A 274 -3.87 -17.66 -21.71
C THR A 274 -2.52 -17.20 -21.18
N PHE A 275 -2.28 -17.51 -19.90
CA PHE A 275 -0.98 -17.35 -19.26
C PHE A 275 -0.29 -18.68 -19.21
N GLU A 276 0.89 -18.74 -19.82
CA GLU A 276 1.65 -19.98 -19.85
C GLU A 276 2.60 -20.08 -18.66
N ALA A 277 2.17 -20.77 -17.62
CA ALA A 277 2.87 -20.81 -16.35
C ALA A 277 3.95 -21.89 -16.26
N GLU A 278 4.12 -22.72 -17.28
CA GLU A 278 5.23 -23.70 -17.24
C GLU A 278 6.05 -23.67 -18.52
N ASN A 279 6.09 -22.52 -19.17
CA ASN A 279 6.90 -22.35 -20.36
C ASN A 279 7.81 -21.14 -20.18
N ASN A 280 7.37 -19.99 -20.69
CA ASN A 280 8.11 -18.75 -20.51
C ASN A 280 7.28 -17.61 -19.98
N PHE A 281 6.16 -17.97 -19.37
CA PHE A 281 5.28 -17.00 -18.70
C PHE A 281 4.71 -15.99 -19.66
N ASP A 282 4.45 -16.39 -20.89
CA ASP A 282 3.87 -15.45 -21.84
C ASP A 282 2.34 -15.39 -21.62
N PHE A 283 1.77 -14.22 -21.90
CA PHE A 283 0.35 -14.11 -22.19
C PHE A 283 0.12 -14.27 -23.67
N ARG A 284 -0.88 -15.06 -24.04
CA ARG A 284 -1.21 -15.22 -25.48
C ARG A 284 -2.69 -15.07 -25.66
N LEU A 285 -3.07 -14.42 -26.74
CA LEU A 285 -4.49 -14.27 -27.04
C LEU A 285 -4.79 -15.18 -28.25
N GLY A 286 -5.82 -16.02 -28.12
CA GLY A 286 -6.22 -16.97 -29.19
C GLY A 286 -6.93 -16.17 -30.25
N THR A 287 -6.26 -15.88 -31.37
CA THR A 287 -6.85 -15.03 -32.39
C THR A 287 -7.17 -15.81 -33.71
N GLY A 288 -7.49 -17.09 -33.57
CA GLY A 288 -7.85 -17.98 -34.69
C GLY A 288 -8.94 -17.46 -35.62
N LYS A 289 -9.83 -16.63 -35.09
CA LYS A 289 -10.84 -15.98 -35.94
C LYS A 289 -10.25 -15.12 -37.04
N LEU A 290 -9.01 -14.66 -36.87
CA LEU A 290 -8.37 -13.86 -37.89
C LEU A 290 -7.56 -14.65 -38.94
N ARG A 291 -7.44 -15.95 -38.74
CA ARG A 291 -6.72 -16.85 -39.63
C ARG A 291 -7.25 -16.65 -41.06
N TYR A 292 -6.32 -16.41 -41.98
CA TYR A 292 -6.61 -16.30 -43.41
C TYR A 292 -7.25 -14.98 -43.81
N THR A 293 -7.54 -14.11 -42.85
CA THR A 293 -8.30 -12.91 -43.15
C THR A 293 -7.47 -11.83 -43.73
N GLY A 294 -6.17 -11.89 -43.53
CA GLY A 294 -5.30 -10.84 -44.04
C GLY A 294 -5.34 -9.51 -43.34
N VAL A 295 -5.97 -9.42 -42.17
CA VAL A 295 -6.23 -8.11 -41.59
C VAL A 295 -4.97 -7.48 -40.96
N ALA A 296 -3.93 -8.26 -40.78
CA ALA A 296 -2.76 -7.77 -40.03
C ALA A 296 -1.50 -8.37 -40.59
N LYS A 297 -0.41 -7.62 -40.54
CA LYS A 297 0.86 -8.18 -40.98
C LYS A 297 1.96 -7.67 -40.05
N SER A 298 3.13 -8.26 -40.13
CA SER A 298 4.24 -7.84 -39.27
C SER A 298 4.44 -6.32 -39.32
N ASN A 299 4.70 -5.75 -38.15
CA ASN A 299 4.91 -4.31 -37.90
C ASN A 299 3.66 -3.48 -37.77
N ASP A 300 2.51 -4.08 -38.07
CA ASP A 300 1.26 -3.51 -37.65
C ASP A 300 1.19 -3.56 -36.10
N ILE A 301 0.30 -2.77 -35.55
CA ILE A 301 0.00 -2.81 -34.13
C ILE A 301 -1.42 -3.40 -33.91
N ALA A 302 -1.56 -4.24 -32.88
CA ALA A 302 -2.87 -4.55 -32.30
C ALA A 302 -3.25 -3.65 -31.11
N ALA A 303 -4.42 -3.07 -31.19
CA ALA A 303 -4.94 -2.30 -30.08
C ALA A 303 -6.09 -3.10 -29.51
N ILE A 304 -5.88 -3.54 -28.28
CA ILE A 304 -6.89 -4.27 -27.55
C ILE A 304 -7.52 -3.46 -26.44
N THR A 305 -8.74 -3.01 -26.66
CA THR A 305 -9.39 -2.08 -25.78
C THR A 305 -10.32 -2.80 -24.81
N ARG A 306 -10.15 -2.54 -23.50
CA ARG A 306 -11.03 -3.07 -22.51
C ARG A 306 -12.20 -2.18 -22.28
N VAL A 307 -13.40 -2.71 -22.53
CA VAL A 307 -14.66 -1.96 -22.40
C VAL A 307 -15.58 -2.53 -21.34
N GLY A 308 -15.27 -3.73 -20.85
CA GLY A 308 -16.01 -4.34 -19.75
C GLY A 308 -15.11 -5.31 -19.02
N ASP A 309 -15.52 -5.84 -17.86
N ASP A 309 -15.59 -5.84 -17.91
CA ASP A 309 -14.65 -6.76 -17.10
CA ASP A 309 -14.80 -6.77 -17.10
C ASP A 309 -14.02 -7.75 -18.06
C ASP A 309 -14.27 -7.96 -17.91
N SER A 310 -14.89 -8.36 -18.87
N SER A 310 -15.09 -8.47 -18.85
CA SER A 310 -14.53 -9.47 -19.76
CA SER A 310 -14.67 -9.52 -19.77
C SER A 310 -14.86 -9.12 -21.21
C SER A 310 -15.02 -9.13 -21.21
N ASP A 311 -15.09 -7.83 -21.48
CA ASP A 311 -15.40 -7.35 -22.82
C ASP A 311 -14.29 -6.50 -23.43
N TYR A 312 -13.86 -6.86 -24.64
CA TYR A 312 -12.76 -6.22 -25.32
C TYR A 312 -13.07 -5.97 -26.78
N GLU A 313 -12.36 -5.00 -27.31
CA GLU A 313 -12.34 -4.73 -28.77
C GLU A 313 -10.93 -4.82 -29.30
N LEU A 314 -10.77 -5.42 -30.46
CA LEU A 314 -9.47 -5.52 -31.05
C LEU A 314 -9.45 -4.77 -32.38
N ARG A 315 -8.47 -3.89 -32.56
CA ARG A 315 -8.32 -3.17 -33.84
C ARG A 315 -6.90 -3.33 -34.34
N ILE A 316 -6.76 -3.51 -35.64
CA ILE A 316 -5.45 -3.51 -36.21
C ILE A 316 -5.13 -2.08 -36.64
N ILE A 317 -3.97 -1.61 -36.21
CA ILE A 317 -3.49 -0.27 -36.54
C ILE A 317 -2.39 -0.50 -37.54
N LYS A 318 -2.68 -0.13 -38.78
CA LYS A 318 -1.81 -0.46 -39.90
C LYS A 318 -0.56 0.42 -39.97
N GLN A 319 0.57 -0.20 -40.22
CA GLN A 319 1.81 0.53 -40.34
C GLN A 319 1.66 1.65 -41.36
N GLY A 320 2.38 2.76 -41.15
CA GLY A 320 2.46 3.83 -42.12
C GLY A 320 1.16 4.59 -42.23
N THR A 321 0.41 4.55 -41.18
CA THR A 321 -0.77 5.32 -41.11
C THR A 321 -0.60 6.30 -39.98
N PRO A 322 -1.40 7.38 -39.97
CA PRO A 322 -1.28 8.40 -38.92
C PRO A 322 -1.55 7.87 -37.51
N GLU A 323 -2.43 6.86 -37.41
CA GLU A 323 -2.82 6.29 -36.12
C GLU A 323 -1.67 5.49 -35.58
N HIS A 324 -0.99 4.80 -36.46
CA HIS A 324 0.11 3.97 -36.07
C HIS A 324 1.27 4.81 -35.64
N SER A 325 1.31 6.05 -36.15
CA SER A 325 2.47 6.87 -35.83
C SER A 325 2.23 7.48 -34.46
N GLN A 326 0.98 7.75 -34.14
CA GLN A 326 0.63 8.29 -32.83
C GLN A 326 0.59 7.23 -31.71
N LEU A 327 0.45 5.95 -32.06
CA LEU A 327 0.28 4.88 -31.06
C LEU A 327 1.57 4.09 -30.79
N ASP A 328 2.44 4.03 -31.79
CA ASP A 328 3.68 3.26 -31.73
C ASP A 328 4.64 3.71 -30.58
N PRO A 329 4.60 5.00 -30.24
CA PRO A 329 5.39 5.50 -29.11
C PRO A 329 4.85 5.01 -27.75
N TYR A 330 3.58 4.64 -27.70
CA TYR A 330 3.02 4.11 -26.47
C TYR A 330 3.47 2.68 -26.14
N ALA A 331 3.99 1.98 -27.12
CA ALA A 331 4.51 0.64 -26.92
C ALA A 331 5.98 0.75 -26.53
N VAL A 332 6.21 1.02 -25.25
CA VAL A 332 7.54 1.39 -24.78
C VAL A 332 8.35 0.20 -24.29
N SER A 333 7.70 -0.85 -23.81
CA SER A 333 8.42 -1.95 -23.17
C SER A 333 8.63 -3.14 -24.09
N PHE A 334 9.83 -3.69 -24.06
CA PHE A 334 10.17 -4.82 -24.92
C PHE A 334 9.70 -6.13 -24.31
N ILE A 335 9.30 -7.02 -25.22
CA ILE A 335 8.82 -8.36 -24.94
C ILE A 335 9.70 -9.24 -25.80
N GLY A 336 10.29 -10.28 -25.24
CA GLY A 336 11.06 -11.19 -26.05
C GLY A 336 12.19 -10.49 -26.79
N ASN A 337 12.57 -11.05 -27.93
CA ASN A 337 13.93 -10.92 -28.46
C ASN A 337 13.96 -10.54 -29.94
N ARG A 338 12.80 -10.18 -30.49
CA ARG A 338 12.70 -9.86 -31.92
C ARG A 338 12.08 -8.47 -32.14
N GLY A 339 12.08 -7.66 -31.09
CA GLY A 339 11.69 -6.27 -31.23
C GLY A 339 10.25 -5.96 -30.87
N LYS A 340 9.51 -6.96 -30.41
CA LYS A 340 8.15 -6.71 -29.98
C LYS A 340 8.11 -5.76 -28.81
N ARG A 341 7.20 -4.80 -28.87
CA ARG A 341 6.95 -3.87 -27.79
C ARG A 341 5.47 -3.75 -27.46
N PHE A 342 5.18 -3.36 -26.22
CA PHE A 342 3.82 -3.09 -25.76
C PHE A 342 3.77 -1.97 -24.75
N GLY A 343 2.59 -1.39 -24.61
CA GLY A 343 2.23 -0.50 -23.54
C GLY A 343 0.75 -0.27 -23.50
N TYR A 344 0.31 0.55 -22.58
CA TYR A 344 -1.08 0.82 -22.42
C TYR A 344 -1.40 2.29 -22.62
N ILE A 345 -2.63 2.59 -23.02
CA ILE A 345 -3.08 3.95 -23.18
C ILE A 345 -4.49 4.00 -22.71
N SER A 346 -4.93 5.13 -22.18
CA SER A 346 -6.32 5.28 -21.78
C SER A 346 -7.23 5.13 -22.99
N ASN A 347 -8.43 4.65 -22.74
CA ASN A 347 -9.42 4.52 -23.82
C ASN A 347 -9.85 5.92 -24.29
N GLU A 348 -10.13 6.82 -23.36
CA GLU A 348 -10.32 8.25 -23.68
C GLU A 348 -9.37 8.74 -24.78
N GLU A 349 -8.07 8.55 -24.61
CA GLU A 349 -7.08 9.07 -25.55
C GLU A 349 -6.85 8.24 -26.81
N PHE A 350 -6.84 6.92 -26.66
CA PHE A 350 -6.93 6.02 -27.81
C PHE A 350 -8.07 6.45 -28.72
N GLY A 351 -9.24 6.67 -28.13
CA GLY A 351 -10.41 7.02 -28.91
C GLY A 351 -10.12 8.31 -29.69
N ARG A 352 -9.61 9.29 -28.96
CA ARG A 352 -9.37 10.63 -29.51
C ARG A 352 -8.57 10.45 -30.77
N ILE A 353 -7.58 9.57 -30.67
CA ILE A 353 -6.63 9.35 -31.76
C ILE A 353 -7.25 8.60 -32.97
N ILE A 354 -8.19 7.67 -32.73
CA ILE A 354 -8.70 6.85 -33.83
C ILE A 354 -10.09 7.34 -34.28
N GLY A 355 -10.63 8.32 -33.57
CA GLY A 355 -11.94 8.84 -33.93
C GLY A 355 -13.12 8.12 -33.33
N VAL A 356 -12.92 7.50 -32.17
CA VAL A 356 -14.02 6.78 -31.56
C VAL A 356 -14.34 7.26 -30.17
N THR A 357 -15.61 7.32 -29.85
CA THR A 357 -16.12 7.62 -28.52
C THR A 357 -16.41 6.29 -27.81
N PHE A 358 -15.73 6.04 -26.70
CA PHE A 358 -16.03 4.83 -25.91
C PHE A 358 -17.10 5.04 -24.86
N MET B 1 23.96 0.86 10.13
CA MET B 1 23.09 -0.30 10.45
C MET B 1 21.74 -0.17 9.69
N ASN B 2 21.25 -1.29 9.21
CA ASN B 2 19.93 -1.39 8.60
C ASN B 2 18.92 -1.78 9.66
N PHE B 3 17.65 -1.37 9.47
CA PHE B 3 16.61 -1.71 10.43
C PHE B 3 15.33 -2.12 9.74
N PHE B 4 14.58 -2.97 10.43
CA PHE B 4 13.25 -3.40 9.97
C PHE B 4 12.28 -3.26 11.08
N SER B 5 11.07 -2.79 10.77
CA SER B 5 10.01 -2.76 11.75
C SER B 5 8.71 -3.23 11.13
N LEU B 6 7.92 -3.92 11.94
CA LEU B 6 6.48 -4.11 11.72
C LEU B 6 5.76 -3.47 12.86
N HIS B 7 5.03 -2.41 12.52
CA HIS B 7 4.33 -1.65 13.52
C HIS B 7 2.86 -1.91 13.37
N PRO B 8 2.06 -1.54 14.38
CA PRO B 8 2.46 -0.89 15.66
C PRO B 8 2.95 -1.90 16.71
N ASN B 9 4.21 -1.74 17.10
CA ASN B 9 4.84 -2.50 18.20
C ASN B 9 4.73 -4.00 18.06
N VAL B 10 4.83 -4.51 16.84
CA VAL B 10 4.77 -5.95 16.63
C VAL B 10 6.18 -6.54 16.68
N TYR B 11 7.04 -6.09 15.79
CA TYR B 11 8.34 -6.67 15.67
C TYR B 11 9.31 -5.65 15.14
N ALA B 12 10.55 -5.67 15.62
CA ALA B 12 11.54 -4.73 15.16
C ALA B 12 12.93 -5.31 15.44
N THR B 13 13.82 -5.14 14.49
CA THR B 13 15.19 -5.68 14.62
C THR B 13 16.10 -4.80 15.47
N GLY B 14 15.64 -3.57 15.73
CA GLY B 14 16.53 -2.54 16.20
C GLY B 14 15.79 -1.48 16.98
N ARG B 15 16.45 -0.36 17.20
CA ARG B 15 15.84 0.73 17.95
C ARG B 15 14.57 1.30 17.28
N PRO B 16 14.59 1.58 15.98
CA PRO B 16 13.38 2.13 15.35
C PRO B 16 12.21 1.15 15.43
N LYS B 17 11.04 1.52 15.98
CA LYS B 17 9.93 0.57 16.13
C LYS B 17 8.81 0.68 15.09
N GLY B 18 8.93 1.62 14.16
CA GLY B 18 7.88 1.90 13.19
C GLY B 18 8.37 2.92 12.21
N LEU B 19 7.47 3.29 11.30
CA LEU B 19 7.85 4.19 10.23
C LEU B 19 8.28 5.55 10.75
N ILE B 20 7.59 6.07 11.74
CA ILE B 20 7.98 7.38 12.28
C ILE B 20 9.45 7.31 12.73
N GLY B 21 9.81 6.23 13.44
CA GLY B 21 11.15 6.01 13.94
C GLY B 21 12.16 5.92 12.84
N MET B 22 11.80 5.21 11.78
CA MET B 22 12.66 5.18 10.62
C MET B 22 12.86 6.58 10.02
N LEU B 23 11.79 7.35 9.90
CA LEU B 23 11.88 8.67 9.30
C LEU B 23 12.68 9.61 10.21
N GLU B 24 12.50 9.47 11.51
N GLU B 24 12.50 9.46 11.52
CA GLU B 24 13.27 10.24 12.46
CA GLU B 24 13.26 10.24 12.49
C GLU B 24 14.74 9.99 12.15
C GLU B 24 14.75 9.97 12.28
N ASN B 25 15.10 8.73 12.01
CA ASN B 25 16.47 8.37 11.67
C ASN B 25 17.03 9.07 10.45
N VAL B 26 16.37 8.97 9.29
CA VAL B 26 16.97 9.43 8.05
C VAL B 26 16.86 10.92 7.90
N TRP B 27 15.85 11.49 8.51
CA TRP B 27 15.54 12.88 8.30
C TRP B 27 16.00 13.77 9.44
N VAL B 28 16.36 13.20 10.58
CA VAL B 28 16.63 13.99 11.78
C VAL B 28 17.96 13.54 12.39
N SER B 29 18.00 12.33 12.93
N SER B 29 17.99 12.34 12.95
CA SER B 29 19.15 11.88 13.71
CA SER B 29 19.15 11.88 13.72
C SER B 29 20.41 11.77 12.88
C SER B 29 20.42 11.82 12.86
N ASN B 30 20.28 11.34 11.64
CA ASN B 30 21.43 11.21 10.75
C ASN B 30 21.39 12.22 9.62
N HIS B 31 20.90 13.41 9.97
CA HIS B 31 20.83 14.47 9.01
C HIS B 31 21.21 15.85 9.53
N THR B 32 21.92 16.59 8.67
CA THR B 32 22.27 17.98 8.93
C THR B 32 21.37 18.87 8.13
N PRO B 33 20.56 19.68 8.78
CA PRO B 33 19.61 20.53 8.07
C PRO B 33 20.26 21.43 7.00
N GLY B 34 19.68 21.38 5.80
CA GLY B 34 20.13 22.15 4.64
C GLY B 34 21.08 21.42 3.72
N GLU B 35 21.58 20.28 4.16
CA GLU B 35 22.49 19.50 3.37
C GLU B 35 21.72 18.56 2.42
N GLY B 36 21.80 18.86 1.13
CA GLY B 36 21.31 17.92 0.12
C GLY B 36 19.79 17.94 0.07
N THR B 37 19.21 16.76 -0.19
CA THR B 37 17.79 16.67 -0.53
C THR B 37 17.09 15.62 0.32
N LEU B 38 15.88 15.95 0.79
CA LEU B 38 14.99 14.96 1.41
C LEU B 38 13.90 14.55 0.38
N TYR B 39 13.60 13.25 0.39
CA TYR B 39 12.64 12.66 -0.56
C TYR B 39 11.50 11.97 0.14
N LEU B 40 10.31 12.17 -0.40
CA LEU B 40 9.08 11.57 0.08
C LEU B 40 8.25 11.19 -1.18
N ILE B 41 8.00 9.89 -1.31
CA ILE B 41 7.19 9.39 -2.42
C ILE B 41 6.11 8.56 -1.77
N SER B 42 4.86 8.93 -1.99
CA SER B 42 3.76 8.21 -1.32
C SER B 42 2.49 8.29 -2.16
N GLY B 43 1.90 7.14 -2.48
CA GLY B 43 0.64 7.13 -3.18
C GLY B 43 -0.47 7.89 -2.52
N PHE B 44 -0.60 7.69 -1.20
CA PHE B 44 -1.59 8.40 -0.41
C PHE B 44 -0.90 9.34 0.60
N SER B 45 -1.56 10.42 0.93
CA SER B 45 -1.05 11.40 1.88
C SER B 45 -2.22 12.16 2.47
N ASN B 46 -2.07 12.40 3.75
CA ASN B 46 -2.93 13.34 4.42
C ASN B 46 -2.20 14.19 5.49
N TYR B 47 -2.91 15.16 6.04
CA TYR B 47 -2.30 16.18 6.85
C TYR B 47 -1.62 15.64 8.08
N ASN B 48 -2.29 14.75 8.78
CA ASN B 48 -1.73 14.17 9.97
C ASN B 48 -0.57 13.26 9.68
N GLY B 49 -0.48 12.80 8.42
CA GLY B 49 0.63 12.02 7.99
C GLY B 49 1.95 12.78 8.03
N GLY B 50 1.85 14.11 8.05
CA GLY B 50 3.00 14.98 7.92
C GLY B 50 3.35 15.84 9.17
N VAL B 51 2.47 15.91 10.16
CA VAL B 51 2.68 16.80 11.27
C VAL B 51 3.97 16.56 12.05
N ARG B 52 4.45 15.32 12.11
CA ARG B 52 5.68 15.00 12.79
C ARG B 52 6.88 15.66 12.11
N PHE B 53 6.74 15.97 10.83
CA PHE B 53 7.89 16.36 10.00
C PHE B 53 7.80 17.71 9.25
N TYR B 54 6.67 18.40 9.28
CA TYR B 54 6.62 19.72 8.63
C TYR B 54 7.74 20.66 9.11
N GLU B 55 8.01 20.72 10.42
CA GLU B 55 9.10 21.62 10.87
C GLU B 55 10.48 21.15 10.42
N THR B 56 10.71 19.86 10.44
CA THR B 56 11.90 19.28 9.84
C THR B 56 12.13 19.72 8.43
N PHE B 57 11.08 19.66 7.60
CA PHE B 57 11.25 20.08 6.23
C PHE B 57 11.54 21.61 6.14
N THR B 58 10.82 22.37 6.94
CA THR B 58 10.93 23.83 6.95
C THR B 58 12.37 24.26 7.28
N GLU B 59 12.92 23.67 8.33
CA GLU B 59 14.27 23.95 8.77
C GLU B 59 15.26 23.56 7.69
N HIS B 60 15.06 22.40 7.09
CA HIS B 60 15.98 21.93 6.04
C HIS B 60 15.98 22.89 4.85
N ILE B 61 14.81 23.35 4.43
CA ILE B 61 14.71 24.27 3.32
C ILE B 61 15.30 25.63 3.70
N ASN B 62 15.01 26.07 4.92
CA ASN B 62 15.50 27.36 5.40
C ASN B 62 17.03 27.41 5.48
N GLN B 63 17.66 26.26 5.62
CA GLN B 63 19.10 26.18 5.76
C GLN B 63 19.70 25.87 4.40
N GLY B 64 18.87 26.04 3.37
CA GLY B 64 19.29 25.89 1.99
C GLY B 64 19.19 24.49 1.38
N GLY B 65 18.44 23.58 2.00
CA GLY B 65 18.24 22.26 1.38
C GLY B 65 16.97 22.20 0.53
N ARG B 66 16.79 21.09 -0.19
CA ARG B 66 15.54 20.86 -0.93
C ARG B 66 14.76 19.67 -0.37
N VAL B 67 13.43 19.74 -0.51
CA VAL B 67 12.57 18.57 -0.27
C VAL B 67 11.70 18.36 -1.48
N ILE B 68 11.73 17.13 -2.00
CA ILE B 68 10.94 16.73 -3.14
C ILE B 68 9.90 15.67 -2.72
N ALA B 69 8.63 15.95 -2.99
CA ALA B 69 7.55 15.01 -2.66
C ALA B 69 6.80 14.67 -3.93
N ILE B 70 6.60 13.39 -4.15
CA ILE B 70 5.83 12.94 -5.29
C ILE B 70 4.70 12.10 -4.75
N LEU B 71 3.49 12.51 -5.03
CA LEU B 71 2.32 11.98 -4.35
C LEU B 71 1.30 11.56 -5.39
N GLY B 72 0.42 10.66 -5.01
CA GLY B 72 -0.63 10.18 -5.91
C GLY B 72 -1.78 11.16 -5.92
N GLY B 73 -2.48 11.24 -7.06
CA GLY B 73 -3.68 12.04 -7.17
C GLY B 73 -4.76 11.37 -8.00
N SER B 74 -6.01 11.74 -7.82
CA SER B 74 -7.10 11.10 -8.52
C SER B 74 -8.32 11.96 -8.31
N THR B 75 -9.12 12.14 -9.36
CA THR B 75 -10.38 12.83 -9.20
C THR B 75 -11.45 12.03 -8.47
N SER B 76 -11.27 10.71 -8.33
CA SER B 76 -12.37 9.88 -7.85
C SER B 76 -12.03 9.10 -6.57
N GLN B 77 -10.78 9.15 -6.14
CA GLN B 77 -10.27 8.35 -5.02
C GLN B 77 -9.55 9.31 -4.08
N ARG B 78 -9.70 9.07 -2.78
CA ARG B 78 -9.05 9.86 -1.73
C ARG B 78 -7.60 9.46 -1.60
N LEU B 79 -6.77 9.96 -2.49
CA LEU B 79 -5.35 9.68 -2.45
C LEU B 79 -4.58 10.65 -1.62
N SER B 80 -4.47 11.89 -2.10
CA SER B 80 -3.73 12.93 -1.41
C SER B 80 -4.62 14.14 -1.21
N SER B 81 -4.54 14.73 -0.03
CA SER B 81 -5.49 15.77 0.34
C SER B 81 -4.96 17.14 -0.09
N ARG B 82 -5.87 18.06 -0.38
CA ARG B 82 -5.53 19.45 -0.58
C ARG B 82 -4.76 19.98 0.65
N GLN B 83 -5.20 19.60 1.83
CA GLN B 83 -4.60 20.06 3.05
C GLN B 83 -3.13 19.72 3.18
N VAL B 84 -2.74 18.48 2.92
CA VAL B 84 -1.31 18.12 3.04
C VAL B 84 -0.44 18.79 1.96
N VAL B 85 -0.97 18.85 0.74
CA VAL B 85 -0.23 19.44 -0.35
C VAL B 85 -0.02 20.95 -0.12
N GLU B 86 -1.08 21.67 0.32
CA GLU B 86 -0.92 23.09 0.66
C GLU B 86 0.14 23.29 1.72
N GLU B 87 0.12 22.44 2.75
CA GLU B 87 1.04 22.59 3.84
C GLU B 87 2.47 22.36 3.37
N LEU B 88 2.68 21.30 2.60
CA LEU B 88 4.01 21.04 2.08
C LEU B 88 4.49 22.19 1.17
N LEU B 89 3.64 22.66 0.27
CA LEU B 89 3.96 23.79 -0.59
C LEU B 89 4.29 25.03 0.24
N ASN B 90 3.54 25.27 1.31
N ASN B 90 3.53 25.24 1.31
CA ASN B 90 3.81 26.44 2.12
CA ASN B 90 3.72 26.39 2.21
C ASN B 90 5.19 26.42 2.76
C ASN B 90 5.12 26.42 2.84
N ARG B 91 5.72 25.24 3.05
CA ARG B 91 7.09 25.11 3.58
C ARG B 91 8.22 25.18 2.59
N GLY B 92 7.91 25.20 1.30
CA GLY B 92 8.92 25.23 0.26
C GLY B 92 9.18 23.87 -0.36
N VAL B 93 8.36 22.88 0.00
CA VAL B 93 8.54 21.54 -0.55
C VAL B 93 8.13 21.56 -2.01
N GLU B 94 8.89 20.88 -2.85
CA GLU B 94 8.57 20.79 -4.26
C GLU B 94 7.64 19.55 -4.42
N VAL B 95 6.37 19.80 -4.67
CA VAL B 95 5.36 18.75 -4.69
C VAL B 95 4.96 18.48 -6.10
N HIS B 96 4.93 17.18 -6.43
CA HIS B 96 4.52 16.68 -7.76
C HIS B 96 3.39 15.66 -7.55
N ILE B 97 2.34 15.76 -8.36
CA ILE B 97 1.21 14.84 -8.27
C ILE B 97 1.11 13.99 -9.54
N ILE B 98 1.09 12.69 -9.34
CA ILE B 98 0.96 11.78 -10.45
C ILE B 98 -0.48 11.34 -10.63
N ASN B 99 -0.98 11.53 -11.84
CA ASN B 99 -2.32 11.12 -12.21
C ASN B 99 -2.11 9.96 -13.16
N ARG B 100 -2.42 8.74 -12.71
CA ARG B 100 -2.25 7.57 -13.57
C ARG B 100 -3.32 6.54 -13.20
N LYS B 101 -3.91 5.86 -14.20
CA LYS B 101 -4.98 4.95 -13.89
C LYS B 101 -4.56 3.87 -12.91
N ARG B 102 -3.42 3.22 -13.20
CA ARG B 102 -2.71 2.39 -12.23
C ARG B 102 -1.84 3.36 -11.47
N ILE B 103 -2.19 3.56 -10.20
CA ILE B 103 -1.71 4.68 -9.44
C ILE B 103 -0.27 4.52 -9.02
N LEU B 104 0.34 5.66 -8.68
CA LEU B 104 1.52 5.70 -7.85
C LEU B 104 1.17 5.00 -6.57
N HIS B 105 1.82 3.88 -6.34
CA HIS B 105 1.48 3.08 -5.18
C HIS B 105 2.65 2.88 -4.23
N ALA B 106 3.81 3.35 -4.64
CA ALA B 106 5.04 3.23 -3.86
C ALA B 106 5.03 4.13 -2.61
N LYS B 107 5.80 3.71 -1.61
CA LYS B 107 5.97 4.49 -0.39
C LYS B 107 7.48 4.38 -0.06
N LEU B 108 8.18 5.47 -0.26
N LEU B 108 8.18 5.49 -0.30
CA LEU B 108 9.62 5.43 -0.02
CA LEU B 108 9.65 5.54 -0.18
C LEU B 108 10.12 6.80 0.30
C LEU B 108 10.00 6.84 0.45
N TYR B 109 11.06 6.85 1.26
CA TYR B 109 11.44 8.05 1.93
C TYR B 109 12.93 8.04 2.19
N GLY B 110 13.56 9.21 2.20
CA GLY B 110 14.97 9.20 2.58
C GLY B 110 15.70 10.46 2.24
N THR B 111 17.00 10.31 2.10
CA THR B 111 17.84 11.47 1.93
C THR B 111 19.01 11.21 1.02
N SER B 112 19.47 12.30 0.43
CA SER B 112 20.73 12.30 -0.29
C SER B 112 21.49 13.50 0.28
N ASN B 113 22.57 13.21 0.99
CA ASN B 113 23.38 14.24 1.64
C ASN B 113 24.84 13.85 1.49
N ASN B 114 25.69 14.40 2.36
CA ASN B 114 27.13 14.25 2.19
C ASN B 114 27.54 12.81 2.45
N LEU B 115 26.90 12.19 3.42
CA LEU B 115 27.20 10.79 3.75
C LEU B 115 26.82 9.82 2.61
N GLY B 116 25.88 10.21 1.76
CA GLY B 116 25.43 9.32 0.72
C GLY B 116 23.91 9.21 0.71
N GLU B 117 23.39 8.06 0.34
CA GLU B 117 21.93 7.84 0.20
C GLU B 117 21.42 7.01 1.35
N SER B 118 20.31 7.45 1.92
N SER B 118 20.32 7.43 1.95
CA SER B 118 19.59 6.67 2.91
CA SER B 118 19.62 6.59 2.88
C SER B 118 18.20 6.39 2.35
C SER B 118 18.20 6.40 2.39
N LEU B 119 17.66 5.22 2.64
CA LEU B 119 16.42 4.78 1.98
C LEU B 119 15.59 4.03 2.96
N VAL B 120 14.33 4.48 3.08
CA VAL B 120 13.30 3.71 3.76
C VAL B 120 12.24 3.27 2.76
N VAL B 121 12.02 1.97 2.69
CA VAL B 121 10.94 1.43 1.85
C VAL B 121 9.90 0.90 2.77
N SER B 122 8.61 1.25 2.54
CA SER B 122 7.60 0.89 3.51
C SER B 122 6.30 0.51 2.78
N SER B 123 5.44 -0.17 3.51
CA SER B 123 4.03 -0.24 3.15
C SER B 123 3.27 0.99 3.55
N GLY B 124 3.85 1.79 4.43
CA GLY B 124 3.12 2.90 5.04
C GLY B 124 3.18 4.20 4.22
N ASN B 125 2.00 4.67 3.86
CA ASN B 125 1.79 5.94 3.21
C ASN B 125 2.02 7.06 4.20
N PHE B 126 2.16 8.26 3.65
CA PHE B 126 2.33 9.50 4.39
C PHE B 126 1.01 10.02 4.89
N THR B 127 0.38 9.20 5.71
CA THR B 127 -0.95 9.44 6.23
C THR B 127 -0.97 9.10 7.72
N GLY B 128 -1.99 9.60 8.38
CA GLY B 128 -2.23 9.24 9.78
C GLY B 128 -2.16 7.72 10.05
N PRO B 129 -2.99 6.93 9.36
CA PRO B 129 -2.96 5.49 9.53
C PRO B 129 -1.66 4.85 9.20
N GLY B 130 -0.97 5.32 8.16
CA GLY B 130 0.31 4.72 7.79
C GLY B 130 1.34 4.94 8.88
N MET B 131 1.24 6.07 9.55
CA MET B 131 2.20 6.43 10.60
C MET B 131 1.80 5.90 11.99
N SER B 132 0.59 5.36 12.13
N SER B 132 0.59 5.37 12.15
CA SER B 132 0.08 4.98 13.44
CA SER B 132 0.12 4.93 13.48
C SER B 132 -0.33 3.50 13.45
C SER B 132 -0.32 3.47 13.48
N GLN B 133 -1.60 3.20 13.29
CA GLN B 133 -2.13 1.93 13.76
C GLN B 133 -2.29 0.87 12.64
N ASN B 134 -2.20 1.26 11.36
CA ASN B 134 -2.13 0.23 10.33
C ASN B 134 -0.98 -0.72 10.65
N ILE B 135 -1.11 -2.00 10.29
CA ILE B 135 0.01 -2.90 10.38
C ILE B 135 0.86 -2.66 9.17
N GLU B 136 2.03 -2.07 9.39
CA GLU B 136 2.92 -1.63 8.31
C GLU B 136 4.33 -2.17 8.49
N ALA B 137 4.96 -2.54 7.37
CA ALA B 137 6.35 -2.97 7.41
C ALA B 137 7.23 -1.89 6.85
N SER B 138 8.41 -1.67 7.46
CA SER B 138 9.31 -0.65 6.96
C SER B 138 10.79 -1.13 7.05
N LEU B 139 11.56 -0.77 6.06
CA LEU B 139 12.95 -1.23 5.97
C LEU B 139 13.79 0.01 5.71
N LEU B 140 14.78 0.25 6.58
N LEU B 140 14.77 0.26 6.57
CA LEU B 140 15.71 1.37 6.43
CA LEU B 140 15.70 1.39 6.40
C LEU B 140 17.08 0.82 6.09
C LEU B 140 17.08 0.82 6.07
N LEU B 141 17.67 1.37 5.02
CA LEU B 141 18.99 0.99 4.55
C LEU B 141 19.93 2.17 4.73
N ASP B 142 21.07 1.87 5.33
CA ASP B 142 22.07 2.89 5.58
C ASP B 142 22.92 3.20 4.35
N ASN B 143 23.87 4.11 4.50
CA ASN B 143 24.65 4.65 3.38
C ASN B 143 25.52 3.61 2.72
N ASN B 144 26.07 2.70 3.52
CA ASN B 144 26.93 1.65 3.02
C ASN B 144 26.13 0.67 2.16
N THR B 145 24.94 0.31 2.65
CA THR B 145 24.08 -0.66 1.96
C THR B 145 23.58 -0.09 0.65
N THR B 146 23.09 1.14 0.67
CA THR B 146 22.66 1.78 -0.59
C THR B 146 23.76 1.96 -1.61
N GLN B 147 24.94 2.35 -1.13
CA GLN B 147 26.09 2.45 -2.02
C GLN B 147 26.45 1.11 -2.63
N SER B 148 26.58 0.09 -1.80
CA SER B 148 26.92 -1.22 -2.35
C SER B 148 25.94 -1.71 -3.42
N MET B 149 24.64 -1.61 -3.14
CA MET B 149 23.64 -2.11 -4.09
C MET B 149 23.45 -1.21 -5.29
N GLY B 150 24.01 -0.01 -5.26
CA GLY B 150 23.90 0.91 -6.37
C GLY B 150 22.66 1.82 -6.44
N PHE B 151 22.01 2.05 -5.32
CA PHE B 151 20.80 2.90 -5.32
C PHE B 151 21.14 4.37 -5.34
N SER B 152 20.49 5.15 -6.19
CA SER B 152 20.62 6.58 -6.21
C SER B 152 19.28 7.31 -6.33
N TRP B 153 18.98 8.19 -5.38
CA TRP B 153 17.74 8.97 -5.43
C TRP B 153 17.62 9.75 -6.72
N ASN B 154 18.70 10.43 -7.10
CA ASN B 154 18.62 11.28 -8.25
C ASN B 154 18.39 10.51 -9.56
N ASP B 155 18.99 9.34 -9.69
CA ASP B 155 18.77 8.53 -10.87
C ASP B 155 17.29 8.04 -10.90
N MET B 156 16.79 7.65 -9.74
CA MET B 156 15.40 7.17 -9.67
C MET B 156 14.46 8.27 -9.98
N ILE B 157 14.60 9.40 -9.30
CA ILE B 157 13.68 10.51 -9.56
C ILE B 157 13.77 10.94 -11.03
N SER B 158 14.99 10.99 -11.59
CA SER B 158 15.15 11.34 -12.99
C SER B 158 14.37 10.40 -13.90
N GLU B 159 14.42 9.10 -13.61
CA GLU B 159 13.63 8.17 -14.40
C GLU B 159 12.13 8.42 -14.23
N MET B 160 11.69 8.64 -12.99
CA MET B 160 10.28 8.88 -12.74
C MET B 160 9.73 10.04 -13.55
N LEU B 161 10.54 11.10 -13.73
CA LEU B 161 10.12 12.27 -14.52
C LEU B 161 10.28 12.15 -16.04
N ASN B 162 10.79 11.01 -16.50
N ASN B 162 10.82 11.00 -16.46
CA ASN B 162 10.91 10.75 -17.92
CA ASN B 162 11.07 10.63 -17.86
C ASN B 162 10.13 9.55 -18.43
C ASN B 162 10.20 9.46 -18.34
N GLN B 163 9.01 9.27 -17.77
CA GLN B 163 8.14 8.19 -18.17
C GLN B 163 6.95 8.65 -19.02
N ASN B 164 6.83 9.95 -19.23
N ASN B 164 6.80 9.94 -19.24
CA ASN B 164 5.67 10.48 -19.92
CA ASN B 164 5.63 10.38 -19.96
C ASN B 164 4.38 10.34 -19.11
C ASN B 164 4.36 10.24 -19.12
N TRP B 165 4.51 10.08 -17.81
CA TRP B 165 3.38 10.12 -16.90
C TRP B 165 2.77 11.52 -16.85
N HIS B 166 1.51 11.57 -16.39
CA HIS B 166 0.82 12.84 -16.20
C HIS B 166 1.27 13.27 -14.83
N ILE B 167 2.32 14.09 -14.77
CA ILE B 167 2.77 14.59 -13.49
C ILE B 167 2.59 16.09 -13.40
N HIS B 168 1.86 16.50 -12.38
CA HIS B 168 1.61 17.91 -12.17
C HIS B 168 2.58 18.50 -11.12
N ASN B 169 3.44 19.41 -11.56
CA ASN B 169 4.31 20.13 -10.63
C ASN B 169 3.45 21.19 -9.96
N MET B 170 3.26 21.06 -8.64
CA MET B 170 2.37 21.94 -7.89
C MET B 170 3.09 23.17 -7.30
N THR B 171 4.40 23.20 -7.46
CA THR B 171 5.19 24.33 -7.00
C THR B 171 4.88 25.55 -7.86
N ASN B 172 4.51 26.66 -7.22
CA ASN B 172 4.12 27.89 -7.91
C ASN B 172 3.05 27.64 -8.96
N ALA B 173 2.06 26.84 -8.59
CA ALA B 173 0.98 26.46 -9.54
C ALA B 173 -0.05 27.55 -9.58
N THR B 174 -0.75 27.67 -10.71
CA THR B 174 -1.91 28.51 -10.72
C THR B 174 -3.02 27.78 -9.97
N ASP B 175 -4.01 28.53 -9.52
CA ASP B 175 -5.18 27.93 -8.88
C ASP B 175 -6.01 27.23 -9.90
N ALA B 176 -5.71 27.47 -11.18
CA ALA B 176 -6.40 26.80 -12.28
C ALA B 176 -5.73 25.50 -12.67
N SER B 177 -4.66 25.10 -11.98
CA SER B 177 -3.94 23.90 -12.38
C SER B 177 -4.85 22.70 -12.27
N PRO B 178 -4.83 21.81 -13.27
CA PRO B 178 -5.61 20.56 -13.21
C PRO B 178 -5.18 19.70 -12.02
N GLY B 179 -3.97 19.92 -11.54
CA GLY B 179 -3.44 19.22 -10.39
C GLY B 179 -4.34 19.30 -9.17
N TRP B 180 -4.94 20.46 -8.97
CA TRP B 180 -5.81 20.66 -7.79
C TRP B 180 -6.98 19.72 -7.78
N ASN B 181 -7.49 19.36 -8.96
CA ASN B 181 -8.65 18.46 -9.07
C ASN B 181 -8.28 17.01 -8.69
N LEU B 182 -7.00 16.75 -8.56
CA LEU B 182 -6.51 15.43 -8.21
C LEU B 182 -6.37 15.21 -6.69
N LEU B 183 -6.70 16.23 -5.93
CA LEU B 183 -6.62 16.16 -4.47
C LEU B 183 -8.00 16.12 -3.88
N TYR B 184 -8.13 15.56 -2.70
CA TYR B 184 -9.42 15.57 -2.05
C TYR B 184 -9.41 16.48 -0.82
N ASP B 185 -10.60 16.89 -0.43
CA ASP B 185 -10.79 17.74 0.73
C ASP B 185 -10.99 16.92 1.98
N GLU B 186 -10.06 17.00 2.93
CA GLU B 186 -10.16 16.22 4.18
C GLU B 186 -11.26 16.66 5.09
N ARG B 187 -11.79 17.84 4.88
CA ARG B 187 -12.92 18.30 5.70
C ARG B 187 -14.21 17.55 5.39
N THR B 188 -14.28 16.90 4.23
CA THR B 188 -15.50 16.17 3.84
C THR B 188 -15.40 14.74 4.24
N THR B 189 -16.44 14.25 4.90
CA THR B 189 -16.40 12.88 5.43
C THR B 189 -17.68 12.09 5.12
N ASN B 190 -17.65 10.79 5.40
CA ASN B 190 -18.86 9.96 5.34
C ASN B 190 -20.07 10.49 6.15
N LEU B 191 -21.27 10.18 5.70
CA LEU B 191 -22.51 10.44 6.46
C LEU B 191 -22.41 9.96 7.90
N THR B 192 -21.83 8.79 8.10
CA THR B 192 -21.60 8.31 9.42
C THR B 192 -20.17 7.82 9.53
N LEU B 193 -19.70 7.77 10.76
CA LEU B 193 -18.34 7.36 11.03
C LEU B 193 -18.21 5.91 10.66
N ASP B 194 -17.22 5.62 9.84
CA ASP B 194 -16.92 4.24 9.43
C ASP B 194 -16.59 3.32 10.58
N GLU B 195 -17.03 2.07 10.47
CA GLU B 195 -16.79 1.12 11.55
C GLU B 195 -15.32 1.06 11.92
N THR B 196 -14.43 1.35 10.98
CA THR B 196 -13.00 1.17 11.22
C THR B 196 -12.47 2.25 12.14
N GLU B 197 -13.26 3.29 12.33
CA GLU B 197 -12.83 4.44 13.10
C GLU B 197 -13.41 4.44 14.50
N ARG B 198 -14.20 3.41 14.82
CA ARG B 198 -15.08 3.45 16.00
C ARG B 198 -14.33 2.81 17.17
N VAL B 199 -13.45 3.62 17.73
CA VAL B 199 -12.46 3.15 18.65
C VAL B 199 -12.33 4.13 19.83
N THR B 200 -11.82 3.60 20.93
CA THR B 200 -11.67 4.33 22.18
C THR B 200 -10.22 4.29 22.58
N LEU B 201 -9.71 5.43 22.98
CA LEU B 201 -8.37 5.52 23.49
C LEU B 201 -8.46 5.45 25.02
N ILE B 202 -7.71 4.54 25.59
CA ILE B 202 -7.62 4.35 27.05
C ILE B 202 -6.30 4.89 27.54
N VAL B 203 -6.32 5.79 28.51
CA VAL B 203 -5.08 6.31 29.01
C VAL B 203 -5.10 6.35 30.53
N THR B 204 -3.98 6.00 31.16
CA THR B 204 -3.87 6.07 32.62
C THR B 204 -3.52 7.49 33.02
N LEU B 205 -4.11 8.00 34.09
CA LEU B 205 -3.89 9.41 34.44
C LEU B 205 -2.86 9.47 35.57
N GLY B 206 -2.03 10.53 35.55
CA GLY B 206 -1.09 10.80 36.61
C GLY B 206 -1.31 12.18 37.22
N HIS B 207 -0.33 12.61 38.01
CA HIS B 207 -0.41 13.86 38.73
C HIS B 207 -0.58 15.07 37.85
N ALA B 208 0.25 15.20 36.82
CA ALA B 208 0.12 16.34 35.92
C ALA B 208 -1.25 16.45 35.25
N ASP B 209 -1.91 15.31 34.98
CA ASP B 209 -3.21 15.28 34.33
C ASP B 209 -4.34 15.77 35.26
N THR B 210 -4.19 15.55 36.57
CA THR B 210 -5.29 15.71 37.48
C THR B 210 -5.06 16.76 38.61
N ALA B 211 -3.84 17.22 38.82
CA ALA B 211 -3.56 18.22 39.86
C ALA B 211 -4.60 19.33 39.85
N ARG B 212 -4.82 19.93 38.69
CA ARG B 212 -5.73 21.05 38.64
C ARG B 212 -7.21 20.68 38.72
N ILE B 213 -7.53 19.42 38.41
CA ILE B 213 -8.85 18.91 38.63
C ILE B 213 -9.14 18.67 40.15
N GLN B 214 -8.12 18.27 40.87
CA GLN B 214 -8.24 17.96 42.28
C GLN B 214 -8.05 19.24 43.17
N ALA B 215 -7.56 20.32 42.58
CA ALA B 215 -7.30 21.53 43.32
C ALA B 215 -8.55 22.14 43.97
N ALA B 216 -8.39 22.76 45.13
CA ALA B 216 -9.49 23.43 45.78
C ALA B 216 -10.00 24.57 44.91
N PRO B 217 -11.29 24.74 44.83
CA PRO B 217 -11.83 25.74 43.90
C PRO B 217 -11.24 27.13 44.08
N GLY B 218 -10.84 27.76 42.99
CA GLY B 218 -10.35 29.14 42.96
C GLY B 218 -8.90 29.34 43.36
N THR B 219 -8.20 28.28 43.73
CA THR B 219 -6.79 28.36 44.14
C THR B 219 -5.89 28.35 42.93
N THR B 220 -4.70 28.85 43.12
CA THR B 220 -3.64 28.95 42.11
C THR B 220 -3.25 27.54 41.65
N ALA B 221 -3.37 26.57 42.53
CA ALA B 221 -3.04 25.19 42.20
C ALA B 221 -3.93 24.65 41.10
N GLY B 222 -5.09 25.25 40.91
CA GLY B 222 -5.98 24.85 39.83
C GLY B 222 -5.86 25.69 38.58
N GLN B 223 -4.96 26.66 38.59
CA GLN B 223 -4.79 27.53 37.41
C GLN B 223 -3.74 27.03 36.48
N GLY B 224 -3.68 27.59 35.27
CA GLY B 224 -2.67 27.16 34.33
C GLY B 224 -3.25 26.26 33.27
N THR B 225 -2.42 25.88 32.30
CA THR B 225 -2.87 25.02 31.21
C THR B 225 -3.20 23.63 31.73
N GLN B 226 -4.43 23.19 31.49
CA GLN B 226 -4.93 21.93 31.96
C GLN B 226 -5.06 20.95 30.77
N TYR B 227 -4.28 19.87 30.79
CA TYR B 227 -4.24 18.86 29.72
C TYR B 227 -4.34 17.47 30.31
N PHE B 228 -4.90 16.55 29.54
CA PHE B 228 -4.54 15.17 29.64
C PHE B 228 -3.49 14.88 28.57
N TRP B 229 -2.37 14.32 28.99
CA TRP B 229 -1.38 13.78 28.05
C TRP B 229 -1.78 12.38 27.66
N LEU B 230 -2.03 12.22 26.38
CA LEU B 230 -2.82 11.10 25.87
C LEU B 230 -1.89 9.98 25.40
N SER B 231 -0.97 10.31 24.50
CA SER B 231 -0.33 9.29 23.67
C SER B 231 0.79 9.90 22.85
N LYS B 232 1.51 9.06 22.10
CA LYS B 232 2.55 9.55 21.19
C LYS B 232 2.34 9.42 19.68
N ASP B 233 1.40 8.62 19.25
CA ASP B 233 1.34 8.42 17.78
C ASP B 233 -0.13 8.31 17.30
N SER B 234 -1.02 9.12 17.89
CA SER B 234 -2.46 9.06 17.63
C SER B 234 -2.85 9.86 16.38
N TYR B 235 -2.01 9.85 15.37
CA TYR B 235 -2.23 10.60 14.14
C TYR B 235 -3.52 10.28 13.40
N ASP B 236 -3.99 9.04 13.53
CA ASP B 236 -5.22 8.59 12.83
C ASP B 236 -6.50 8.67 13.67
N PHE B 237 -6.37 9.06 14.93
CA PHE B 237 -7.47 9.06 15.87
C PHE B 237 -8.19 10.41 15.93
N PHE B 238 -7.54 11.44 15.43
CA PHE B 238 -8.08 12.80 15.43
C PHE B 238 -8.20 13.34 14.03
N PRO B 239 -9.02 14.37 13.88
CA PRO B 239 -9.15 15.07 12.61
C PRO B 239 -7.89 15.80 12.28
N PRO B 240 -7.87 16.35 11.07
CA PRO B 240 -6.68 17.01 10.57
C PRO B 240 -6.28 18.12 11.56
N LEU B 241 -5.03 18.15 11.98
CA LEU B 241 -4.62 19.00 13.09
C LEU B 241 -4.10 20.34 12.55
N THR B 242 -4.97 21.05 11.84
CA THR B 242 -4.48 22.10 10.93
C THR B 242 -4.46 23.49 11.57
N ILE B 243 -4.91 23.58 12.82
CA ILE B 243 -4.80 24.82 13.59
C ILE B 243 -3.40 24.93 14.12
N ARG B 244 -2.70 25.95 13.68
CA ARG B 244 -1.31 26.12 14.04
C ARG B 244 -1.10 27.20 15.11
N ASN B 245 -0.02 27.05 15.86
CA ASN B 245 0.57 28.18 16.61
C ASN B 245 1.62 28.91 15.75
N ARG B 246 1.63 30.24 15.80
CA ARG B 246 2.60 31.00 15.00
C ARG B 246 4.01 30.43 15.13
N ARG B 247 4.65 30.67 16.27
CA ARG B 247 5.93 30.02 16.60
C ARG B 247 5.91 29.44 18.02
N GLY B 248 5.20 30.12 18.91
CA GLY B 248 4.66 29.50 20.12
C GLY B 248 5.55 29.75 21.32
N THR B 249 5.59 28.81 22.25
CA THR B 249 6.86 28.34 22.78
C THR B 249 7.53 27.46 21.72
N LYS B 250 6.71 26.80 20.90
CA LYS B 250 7.15 25.75 19.98
C LYS B 250 6.00 25.34 19.03
N ALA B 251 6.34 24.72 17.90
CA ALA B 251 5.33 24.40 16.88
C ALA B 251 4.30 23.40 17.42
N THR B 252 3.03 23.73 17.27
CA THR B 252 1.96 22.78 17.58
C THR B 252 0.87 22.73 16.51
N TYR B 253 0.12 21.64 16.53
CA TYR B 253 -0.85 21.37 15.51
C TYR B 253 -2.08 20.86 16.22
N SER B 254 -3.22 21.51 16.02
CA SER B 254 -4.37 21.25 16.84
C SER B 254 -5.61 21.17 16.00
N SER B 255 -6.64 20.62 16.63
CA SER B 255 -7.98 20.59 16.10
C SER B 255 -9.01 20.82 17.22
N LEU B 256 -10.09 21.47 16.85
CA LEU B 256 -11.23 21.65 17.73
C LEU B 256 -12.24 20.56 17.51
N ILE B 257 -12.62 19.90 18.58
CA ILE B 257 -13.47 18.75 18.50
C ILE B 257 -14.54 18.97 19.51
N ASN B 258 -15.60 18.19 19.42
CA ASN B 258 -16.64 18.18 20.42
C ASN B 258 -16.30 17.11 21.42
N MET B 259 -16.19 17.49 22.69
CA MET B 259 -15.92 16.55 23.74
C MET B 259 -17.08 16.54 24.72
N ASN B 260 -17.81 15.44 24.72
CA ASN B 260 -18.90 15.21 25.66
C ASN B 260 -18.32 14.63 26.94
N TYR B 261 -18.24 15.46 27.99
CA TYR B 261 -17.65 15.00 29.25
C TYR B 261 -18.75 14.33 30.02
N ILE B 262 -18.82 13.02 29.92
CA ILE B 262 -19.98 12.27 30.37
C ILE B 262 -20.20 12.47 31.88
N ASP B 263 -19.11 12.65 32.64
CA ASP B 263 -19.19 12.66 34.10
C ASP B 263 -19.74 13.97 34.67
N ILE B 264 -19.75 15.03 33.86
CA ILE B 264 -20.32 16.31 34.30
C ILE B 264 -21.44 16.76 33.36
N ASN B 265 -21.95 15.84 32.54
CA ASN B 265 -23.01 16.14 31.57
C ASN B 265 -22.78 17.47 30.86
N TYR B 266 -21.63 17.58 30.23
CA TYR B 266 -21.31 18.81 29.54
C TYR B 266 -20.54 18.48 28.29
N THR B 267 -20.96 19.07 27.17
CA THR B 267 -20.23 19.02 25.91
C THR B 267 -19.50 20.31 25.59
N ASP B 268 -18.17 20.22 25.54
CA ASP B 268 -17.32 21.29 25.06
C ASP B 268 -17.24 21.22 23.54
N THR B 269 -17.78 22.22 22.85
CA THR B 269 -17.74 22.19 21.40
C THR B 269 -16.49 22.84 20.86
N GLN B 270 -15.62 23.29 21.76
CA GLN B 270 -14.34 23.85 21.36
C GLN B 270 -13.19 23.24 22.12
N CYS B 271 -13.29 21.93 22.36
CA CYS B 271 -12.19 21.18 22.96
C CYS B 271 -11.01 21.06 22.01
N ARG B 272 -9.81 21.47 22.46
CA ARG B 272 -8.63 21.46 21.62
C ARG B 272 -7.78 20.22 21.85
N VAL B 273 -7.50 19.48 20.77
CA VAL B 273 -6.52 18.42 20.81
C VAL B 273 -5.28 18.98 20.15
N THR B 274 -4.12 18.72 20.74
CA THR B 274 -2.86 19.31 20.29
C THR B 274 -1.73 18.30 20.20
N PHE B 275 -1.02 18.33 19.08
CA PHE B 275 0.17 17.58 18.86
C PHE B 275 1.33 18.53 18.95
N GLU B 276 2.29 18.18 19.80
CA GLU B 276 3.40 19.07 20.06
C GLU B 276 4.56 18.54 19.29
N ALA B 277 4.95 19.31 18.29
CA ALA B 277 5.90 18.85 17.29
C ALA B 277 7.35 19.23 17.63
N GLU B 278 7.54 20.14 18.59
CA GLU B 278 8.89 20.65 18.91
C GLU B 278 9.62 19.76 19.93
N ASN B 279 8.95 19.53 21.07
CA ASN B 279 9.59 18.93 22.23
C ASN B 279 9.54 17.41 22.21
N ASN B 280 8.39 16.81 22.50
CA ASN B 280 8.36 15.35 22.67
C ASN B 280 7.26 14.64 21.89
N PHE B 281 6.68 15.32 20.90
CA PHE B 281 5.92 14.64 19.85
C PHE B 281 4.83 13.87 20.49
N ASP B 282 4.03 14.60 21.25
N ASP B 282 4.01 14.56 21.27
CA ASP B 282 3.00 14.06 22.16
CA ASP B 282 2.97 13.88 22.00
C ASP B 282 1.64 14.61 21.74
C ASP B 282 1.65 14.59 21.76
N PHE B 283 0.56 13.87 22.03
CA PHE B 283 -0.79 14.35 21.89
C PHE B 283 -1.34 14.75 23.28
N ARG B 284 -1.92 15.93 23.36
CA ARG B 284 -2.56 16.35 24.61
C ARG B 284 -3.96 16.82 24.31
N LEU B 285 -4.83 16.62 25.29
CA LEU B 285 -6.25 17.02 25.20
C LEU B 285 -6.45 18.14 26.23
N GLY B 286 -7.06 19.24 25.79
CA GLY B 286 -7.34 20.38 26.66
C GLY B 286 -8.58 20.07 27.48
N THR B 287 -8.38 19.75 28.75
CA THR B 287 -9.46 19.30 29.63
C THR B 287 -9.74 20.36 30.74
N GLY B 288 -9.43 21.60 30.42
CA GLY B 288 -9.69 22.75 31.31
C GLY B 288 -11.08 22.82 31.87
N LYS B 289 -12.07 22.28 31.16
CA LYS B 289 -13.43 22.25 31.66
C LYS B 289 -13.55 21.41 32.93
N LEU B 290 -12.55 20.59 33.24
CA LEU B 290 -12.63 19.74 34.42
C LEU B 290 -11.91 20.35 35.63
N ARG B 291 -11.32 21.52 35.44
CA ARG B 291 -10.53 22.19 36.44
C ARG B 291 -11.44 22.40 37.66
N TYR B 292 -10.88 22.11 38.84
CA TYR B 292 -11.56 22.21 40.12
C TYR B 292 -12.76 21.25 40.26
N THR B 293 -13.02 20.36 39.31
CA THR B 293 -14.20 19.50 39.47
C THR B 293 -14.04 18.28 40.30
N GLY B 294 -12.84 17.84 40.57
CA GLY B 294 -12.65 16.63 41.32
C GLY B 294 -12.99 15.30 40.66
N VAL B 295 -13.29 15.29 39.36
CA VAL B 295 -13.83 14.07 38.74
C VAL B 295 -12.77 13.03 38.45
N ALA B 296 -11.51 13.41 38.49
CA ALA B 296 -10.45 12.45 38.24
C ALA B 296 -9.27 12.64 39.15
N LYS B 297 -8.60 11.53 39.46
CA LYS B 297 -7.38 11.49 40.27
C LYS B 297 -6.32 10.66 39.60
N SER B 298 -5.09 10.79 40.07
CA SER B 298 -4.03 9.89 39.61
C SER B 298 -4.41 8.40 39.80
N ASN B 299 -4.03 7.61 38.79
CA ASN B 299 -4.35 6.20 38.67
C ASN B 299 -5.75 5.87 38.16
N ASP B 300 -6.62 6.85 38.07
CA ASP B 300 -7.81 6.69 37.27
C ASP B 300 -7.42 6.53 35.77
N ILE B 301 -8.37 6.10 34.97
CA ILE B 301 -8.19 5.97 33.51
C ILE B 301 -9.15 6.92 32.85
N ALA B 302 -8.71 7.57 31.76
CA ALA B 302 -9.63 8.32 30.91
C ALA B 302 -9.89 7.47 29.66
N ALA B 303 -11.14 7.36 29.29
CA ALA B 303 -11.51 6.72 28.04
C ALA B 303 -12.11 7.77 27.13
N ILE B 304 -11.48 7.94 25.97
CA ILE B 304 -11.95 8.85 24.98
C ILE B 304 -12.43 8.07 23.77
N THR B 305 -13.73 8.18 23.54
CA THR B 305 -14.45 7.37 22.58
C THR B 305 -14.77 8.25 21.42
N ARG B 306 -14.32 7.85 20.24
CA ARG B 306 -14.65 8.59 19.04
C ARG B 306 -15.99 8.09 18.51
N VAL B 307 -16.93 9.01 18.35
CA VAL B 307 -18.29 8.67 17.89
C VAL B 307 -18.70 9.41 16.63
N GLY B 308 -17.86 10.34 16.16
CA GLY B 308 -17.97 10.94 14.86
C GLY B 308 -16.63 11.49 14.43
N ASP B 309 -16.51 12.05 13.23
CA ASP B 309 -15.20 12.46 12.75
C ASP B 309 -14.56 13.45 13.71
N SER B 310 -15.40 14.26 14.33
CA SER B 310 -14.92 15.29 15.25
C SER B 310 -15.70 15.22 16.54
N ASP B 311 -16.36 14.09 16.79
CA ASP B 311 -17.16 13.94 18.00
C ASP B 311 -16.63 12.85 18.91
N TYR B 312 -16.42 13.21 20.17
CA TYR B 312 -15.84 12.29 21.14
C TYR B 312 -16.60 12.35 22.45
N GLU B 313 -16.44 11.29 23.24
CA GLU B 313 -16.99 11.20 24.60
C GLU B 313 -15.84 10.88 25.54
N LEU B 314 -15.77 11.57 26.69
CA LEU B 314 -14.75 11.30 27.65
C LEU B 314 -15.42 10.76 28.93
N ARG B 315 -14.91 9.64 29.44
CA ARG B 315 -15.36 9.03 30.69
C ARG B 315 -14.17 8.80 31.56
N ILE B 316 -14.29 9.12 32.84
CA ILE B 316 -13.29 8.75 33.81
C ILE B 316 -13.65 7.38 34.36
N ILE B 317 -12.72 6.47 34.30
CA ILE B 317 -12.93 5.13 34.80
C ILE B 317 -12.12 5.03 36.08
N LYS B 318 -12.83 4.95 37.19
CA LYS B 318 -12.24 5.11 38.52
C LYS B 318 -11.49 3.87 38.92
N GLN B 319 -10.30 4.06 39.43
CA GLN B 319 -9.51 2.96 39.93
C GLN B 319 -10.30 2.19 41.00
N GLY B 320 -10.06 0.90 41.07
CA GLY B 320 -10.71 0.04 42.04
C GLY B 320 -11.97 -0.63 41.53
N THR B 321 -12.47 -0.13 40.41
CA THR B 321 -13.72 -0.58 39.83
C THR B 321 -13.48 -1.75 38.87
N PRO B 322 -14.49 -2.57 38.62
CA PRO B 322 -14.31 -3.69 37.69
C PRO B 322 -14.05 -3.20 36.26
N GLU B 323 -14.75 -2.16 35.83
CA GLU B 323 -14.44 -1.57 34.51
C GLU B 323 -12.98 -1.16 34.40
N HIS B 324 -12.40 -0.61 35.47
CA HIS B 324 -11.01 -0.22 35.45
C HIS B 324 -10.08 -1.43 35.39
N SER B 325 -10.41 -2.51 36.11
CA SER B 325 -9.60 -3.73 36.09
C SER B 325 -9.66 -4.36 34.68
N GLN B 326 -10.78 -4.20 33.99
CA GLN B 326 -10.97 -4.77 32.66
C GLN B 326 -10.30 -3.94 31.55
N LEU B 327 -10.26 -2.61 31.75
CA LEU B 327 -9.77 -1.71 30.72
C LEU B 327 -8.27 -1.49 30.87
N ASP B 328 -7.77 -1.60 32.08
CA ASP B 328 -6.35 -1.33 32.35
C ASP B 328 -5.38 -2.10 31.45
N PRO B 329 -5.66 -3.37 31.18
CA PRO B 329 -4.76 -4.15 30.34
C PRO B 329 -4.72 -3.72 28.86
N TYR B 330 -5.71 -2.96 28.42
CA TYR B 330 -5.69 -2.36 27.08
C TYR B 330 -4.71 -1.21 26.94
N ALA B 331 -4.33 -0.63 28.07
CA ALA B 331 -3.35 0.43 28.05
C ALA B 331 -2.00 -0.21 28.04
N VAL B 332 -1.49 -0.54 26.85
CA VAL B 332 -0.26 -1.36 26.72
C VAL B 332 1.03 -0.62 26.36
N SER B 333 0.94 0.63 25.93
CA SER B 333 2.14 1.33 25.51
C SER B 333 2.53 2.37 26.56
N PHE B 334 3.77 2.29 27.02
CA PHE B 334 4.29 3.25 27.99
C PHE B 334 4.65 4.58 27.31
N ILE B 335 4.20 5.67 27.91
CA ILE B 335 4.63 7.03 27.56
C ILE B 335 5.30 7.71 28.73
N GLY B 336 6.49 8.22 28.49
CA GLY B 336 7.21 8.97 29.48
C GLY B 336 7.70 8.04 30.57
N ASN B 337 8.43 8.63 31.52
CA ASN B 337 9.20 7.86 32.47
C ASN B 337 8.35 7.37 33.62
N ARG B 338 7.20 8.01 33.83
CA ARG B 338 6.47 7.92 35.10
C ARG B 338 5.35 6.86 35.21
N GLY B 339 5.31 5.87 34.32
CA GLY B 339 4.31 4.83 34.42
C GLY B 339 3.06 4.98 33.58
N LYS B 340 2.88 6.12 32.92
CA LYS B 340 1.72 6.35 32.10
C LYS B 340 1.67 5.35 30.92
N ARG B 341 0.48 4.84 30.63
CA ARG B 341 0.29 3.92 29.52
C ARG B 341 -0.99 4.27 28.78
N PHE B 342 -1.08 3.86 27.52
CA PHE B 342 -2.28 4.10 26.72
C PHE B 342 -2.40 2.97 25.69
N GLY B 343 -3.57 2.83 25.10
CA GLY B 343 -3.80 1.89 24.02
C GLY B 343 -5.21 2.07 23.52
N TYR B 344 -5.58 1.27 22.52
CA TYR B 344 -6.89 1.37 21.94
C TYR B 344 -7.76 0.15 22.23
N ILE B 345 -9.07 0.36 22.21
CA ILE B 345 -10.06 -0.69 22.30
C ILE B 345 -11.20 -0.34 21.41
N SER B 346 -11.85 -1.33 20.79
CA SER B 346 -13.00 -1.01 19.94
C SER B 346 -14.14 -0.47 20.77
N ASN B 347 -14.99 0.38 20.18
CA ASN B 347 -16.11 0.94 20.88
C ASN B 347 -17.03 -0.21 21.31
N GLU B 348 -17.09 -1.24 20.46
CA GLU B 348 -17.95 -2.42 20.69
C GLU B 348 -17.55 -3.13 21.99
N GLU B 349 -16.25 -3.38 22.11
CA GLU B 349 -15.71 -4.05 23.28
C GLU B 349 -15.81 -3.15 24.51
N PHE B 350 -15.54 -1.86 24.34
CA PHE B 350 -15.60 -0.89 25.42
C PHE B 350 -17.05 -0.76 25.95
N GLY B 351 -17.99 -0.64 25.01
CA GLY B 351 -19.41 -0.57 25.32
C GLY B 351 -19.82 -1.73 26.19
N ARG B 352 -19.29 -2.90 25.88
CA ARG B 352 -19.66 -4.10 26.62
C ARG B 352 -19.03 -4.16 28.02
N ILE B 353 -17.82 -3.63 28.18
CA ILE B 353 -17.22 -3.47 29.49
C ILE B 353 -17.95 -2.46 30.40
N ILE B 354 -18.49 -1.37 29.85
CA ILE B 354 -19.07 -0.30 30.66
C ILE B 354 -20.57 -0.26 30.56
N GLY B 355 -21.15 -1.26 29.91
CA GLY B 355 -22.58 -1.38 29.81
C GLY B 355 -23.21 -0.25 29.04
N VAL B 356 -22.58 0.11 27.93
CA VAL B 356 -23.12 1.12 27.05
C VAL B 356 -23.20 0.59 25.62
N THR B 357 -24.28 0.94 24.95
CA THR B 357 -24.48 0.71 23.54
C THR B 357 -24.08 1.93 22.74
N PHE B 358 -23.07 1.79 21.89
CA PHE B 358 -22.69 2.88 21.01
C PHE B 358 -23.35 2.67 19.65
C1 GOL C . -9.74 -20.95 -36.47
O1 GOL C . -8.92 -21.09 -35.33
C2 GOL C . -11.11 -20.49 -35.94
O2 GOL C . -11.03 -20.17 -34.56
C3 GOL C . -12.15 -21.59 -36.08
O3 GOL C . -11.88 -22.61 -35.14
C1 GOL D . -9.86 -19.74 13.37
O1 GOL D . -8.46 -19.87 13.27
C2 GOL D . -10.58 -20.24 12.11
O2 GOL D . -11.01 -21.58 12.28
C3 GOL D . -11.78 -19.35 11.83
O3 GOL D . -12.15 -19.33 10.44
C1 GOL E . -3.41 -8.43 -48.01
O1 GOL E . -3.27 -9.78 -47.65
C2 GOL E . -3.71 -7.51 -46.80
O2 GOL E . -5.06 -7.64 -46.36
C3 GOL E . -2.71 -7.80 -45.67
O3 GOL E . -2.62 -6.72 -44.76
C TRS F . -8.20 -1.70 17.08
C1 TRS F . -7.53 -2.25 18.35
C2 TRS F . -7.32 -2.11 15.84
C3 TRS F . -9.58 -2.37 17.13
N TRS F . -8.35 -0.23 17.07
O1 TRS F . -6.18 -1.72 18.62
O2 TRS F . -7.46 -1.28 14.61
O3 TRS F . -10.48 -1.72 18.01
O1 TLA G . -8.11 -3.14 -4.35
O11 TLA G . -7.43 -5.21 -4.87
C1 TLA G . -7.20 -3.95 -4.53
C2 TLA G . -5.77 -3.51 -4.40
O2 TLA G . -5.66 -2.13 -4.15
C3 TLA G . -5.23 -3.84 -5.79
O3 TLA G . -5.98 -3.20 -6.80
C4 TLA G . -3.93 -3.28 -5.84
O4 TLA G . -3.73 -2.19 -6.41
O41 TLA G . -3.00 -3.94 -5.27
O1 SRT H . -15.80 -27.49 3.46
O11 SRT H . -17.48 -28.51 4.38
C1 SRT H . -16.60 -28.53 3.53
C2 SRT H . -16.41 -29.67 2.55
O2 SRT H . -17.32 -30.73 2.83
C3 SRT H . -16.70 -29.17 1.15
O3 SRT H . -16.63 -27.77 1.21
C4 SRT H . -15.68 -29.65 0.18
O4 SRT H . -16.00 -30.50 -0.63
O41 SRT H . -14.43 -29.19 0.15
O1 TAR I . -5.09 -23.47 -31.71
O11 TAR I . -5.52 -22.62 -33.69
C1 TAR I . -5.43 -22.49 -32.37
C2 TAR I . -5.75 -21.18 -31.69
O2 TAR I . -5.75 -20.05 -32.54
C3 TAR I . -7.17 -21.29 -31.16
O3 TAR I . -8.06 -21.62 -32.23
C4 TAR I . -7.51 -19.97 -30.53
O4 TAR I . -7.79 -19.97 -29.34
O41 TAR I . -7.55 -18.83 -31.24
C BCT J . -16.37 -12.62 11.07
O1 BCT J . -15.23 -12.80 11.71
O2 BCT J . -16.81 -13.53 10.22
O3 BCT J . -17.06 -11.52 11.28
C1 GOL K . -2.04 24.67 5.64
O1 GOL K . -1.33 25.28 4.59
C2 GOL K . -3.31 24.02 5.14
O2 GOL K . -3.00 22.76 4.58
C3 GOL K . -4.28 23.78 6.28
O3 GOL K . -5.58 23.92 5.79
O1 MES L . -7.48 0.25 2.30
C2 MES L . -7.77 1.08 1.13
C3 MES L . -6.59 2.04 0.94
N4 MES L . -6.29 2.82 2.27
C5 MES L . -6.25 1.86 3.51
C6 MES L . -7.51 1.02 3.52
C7 MES L . -4.96 3.58 2.21
C8 MES L . -5.02 4.89 2.97
S MES L . -4.00 4.88 4.48
O1S MES L . -2.60 4.69 4.16
O2S MES L . -4.55 3.83 5.35
O3S MES L . -4.20 6.21 4.99
O1 MES M . -10.53 24.98 -9.46
C2 MES M . -10.66 26.34 -8.94
C3 MES M . -9.36 26.75 -8.16
N4 MES M . -9.05 25.75 -7.00
C5 MES M . -9.12 24.29 -7.53
C6 MES M . -10.40 24.02 -8.35
C7 MES M . -7.67 25.99 -6.32
C8 MES M . -7.76 26.64 -4.90
S MES M . -6.28 26.44 -3.82
O1S MES M . -6.24 25.05 -3.33
O2S MES M . -6.39 27.40 -2.70
O3S MES M . -5.11 26.72 -4.62
O1 SRT N . -4.00 -1.30 -2.81
O11 SRT N . -4.14 0.89 -2.27
C1 SRT N . -3.91 -0.29 -1.95
C2 SRT N . -3.48 -0.54 -0.55
O2 SRT N . -2.33 -1.36 -0.47
C3 SRT N . -3.40 0.89 -0.08
O3 SRT N . -3.75 0.89 1.28
C4 SRT N . -2.18 1.68 -0.54
O4 SRT N . -2.01 1.94 -1.71
O41 SRT N . -1.30 2.13 0.22
O1 TLA O . -6.30 27.15 30.14
O11 TLA O . -4.59 26.72 28.85
C1 TLA O . -5.88 26.63 29.13
C2 TLA O . -6.80 25.89 28.21
O2 TLA O . -8.17 26.14 28.52
C3 TLA O . -6.57 24.39 28.34
O3 TLA O . -6.56 24.07 29.72
C4 TLA O . -7.66 23.71 27.58
O4 TLA O . -8.48 23.01 28.15
O41 TLA O . -7.73 23.86 26.25
C BCT P . -10.92 26.39 31.38
O1 BCT P . -9.68 26.31 31.00
O2 BCT P . -11.11 26.55 32.69
O3 BCT P . -11.94 26.29 30.48
#